data_3T7C
#
_entry.id   3T7C
#
_cell.length_a   69.550
_cell.length_b   108.410
_cell.length_c   148.300
_cell.angle_alpha   90.000
_cell.angle_beta   90.000
_cell.angle_gamma   90.000
#
_symmetry.space_group_name_H-M   'P 21 21 21'
#
loop_
_entity.id
_entity.type
_entity.pdbx_description
1 polymer 'Carveol dehydrogenase'
2 non-polymer NICOTINAMIDE-ADENINE-DINUCLEOTIDE
3 water water
#
_entity_poly.entity_id   1
_entity_poly.type   'polypeptide(L)'
_entity_poly.pdbx_seq_one_letter_code
;MAHHHHHHMGTLEAQTQGPGSMAGKVEGKVAFITGAARGQGRSHAITLAREGADIIAIDVCKQLDGVKLPMSTPDDLAET
VRQVEALGRRIIASQVDVRDFDAMQAAVDDGVTQLGRLDIVLANAALASEGTRLNRMDPKTWRDMIDVNLNGAWITARVA
IPHIMAGKRGGSIVFTSSIGGLRGAENIGNYIASKHGLHGLMRTMALELGPRNIRVNIVCPSSVATPMLLNEPTYRMFRP
DLENPTVEDFQVASRQMHVLPIPYVEPADISNAILFLVSDDARYITGVSLPVDGGALLK
;
_entity_poly.pdbx_strand_id   A,B,C,D
#
# COMPACT_ATOMS: atom_id res chain seq x y z
N MET A 22 22.20 -8.76 34.77
CA MET A 22 22.09 -7.78 33.63
C MET A 22 20.63 -7.63 33.17
N ALA A 23 20.18 -6.38 32.96
CA ALA A 23 18.79 -6.09 32.62
C ALA A 23 18.36 -6.68 31.26
N GLY A 24 17.21 -7.34 31.20
CA GLY A 24 16.68 -7.77 29.90
C GLY A 24 16.08 -6.59 29.14
N LYS A 25 15.61 -6.84 27.93
CA LYS A 25 15.11 -5.77 27.07
C LYS A 25 13.82 -5.10 27.52
N VAL A 26 13.06 -5.75 28.39
CA VAL A 26 11.84 -5.12 28.96
C VAL A 26 11.88 -5.21 30.50
N GLU A 27 13.09 -5.10 31.04
CA GLU A 27 13.30 -5.28 32.49
C GLU A 27 12.36 -4.38 33.27
N GLY A 28 11.65 -4.93 34.24
CA GLY A 28 10.82 -4.09 35.12
C GLY A 28 9.49 -3.64 34.57
N LYS A 29 9.18 -4.02 33.36
CA LYS A 29 7.94 -3.62 32.71
C LYS A 29 6.86 -4.67 32.94
N VAL A 30 5.61 -4.30 32.64
CA VAL A 30 4.45 -5.21 32.67
C VAL A 30 3.77 -5.27 31.30
N ALA A 31 3.50 -6.49 30.82
CA ALA A 31 2.79 -6.69 29.56
C ALA A 31 1.46 -7.37 29.76
N PHE A 32 0.42 -6.80 29.15
CA PHE A 32 -0.90 -7.36 29.11
C PHE A 32 -1.00 -8.15 27.79
N ILE A 33 -1.26 -9.46 27.86
CA ILE A 33 -1.24 -10.29 26.64
C ILE A 33 -2.54 -11.05 26.58
N THR A 34 -3.28 -10.86 25.50
CA THR A 34 -4.52 -11.61 25.31
C THR A 34 -4.22 -12.87 24.47
N GLY A 35 -5.02 -13.91 24.66
CA GLY A 35 -4.81 -15.19 23.96
C GLY A 35 -3.54 -15.86 24.45
N ALA A 36 -3.21 -15.65 25.72
CA ALA A 36 -1.96 -16.17 26.29
C ALA A 36 -1.91 -17.68 26.64
N ALA A 37 -2.98 -18.43 26.42
CA ALA A 37 -3.01 -19.83 26.87
C ALA A 37 -2.12 -20.81 26.06
N ARG A 38 -1.80 -20.49 24.81
CA ARG A 38 -1.00 -21.39 23.96
C ARG A 38 -0.47 -20.62 22.73
N GLY A 39 0.15 -21.32 21.78
CA GLY A 39 0.48 -20.64 20.51
C GLY A 39 1.32 -19.36 20.69
N GLN A 40 1.03 -18.34 19.90
CA GLN A 40 1.84 -17.14 19.88
C GLN A 40 1.78 -16.38 21.23
N GLY A 41 0.60 -16.34 21.84
CA GLY A 41 0.40 -15.57 23.09
C GLY A 41 1.25 -16.14 24.21
N ARG A 42 1.26 -17.47 24.32
CA ARG A 42 2.20 -18.12 25.26
C ARG A 42 3.66 -17.77 24.94
N SER A 43 4.04 -17.92 23.68
CA SER A 43 5.40 -17.59 23.25
C SER A 43 5.79 -16.12 23.60
N HIS A 44 4.87 -15.18 23.42
CA HIS A 44 5.16 -13.78 23.80
C HIS A 44 5.33 -13.67 25.28
N ALA A 45 4.45 -14.36 26.04
CA ALA A 45 4.53 -14.25 27.53
C ALA A 45 5.90 -14.72 28.01
N ILE A 46 6.40 -15.86 27.49
CA ILE A 46 7.68 -16.40 27.95
C ILE A 46 8.87 -15.60 27.43
N THR A 47 8.76 -15.07 26.21
CA THR A 47 9.84 -14.25 25.67
C THR A 47 9.97 -12.98 26.49
N LEU A 48 8.85 -12.27 26.73
CA LEU A 48 8.94 -11.03 27.52
C LEU A 48 9.33 -11.30 28.98
N ALA A 49 8.84 -12.41 29.55
CA ALA A 49 9.28 -12.81 30.90
C ALA A 49 10.78 -13.12 30.96
N ARG A 50 11.29 -13.83 29.96
CA ARG A 50 12.74 -14.07 29.89
C ARG A 50 13.49 -12.73 29.87
N GLU A 51 12.91 -11.71 29.25
CA GLU A 51 13.57 -10.42 29.10
C GLU A 51 13.17 -9.39 30.19
N GLY A 52 12.55 -9.87 31.27
CA GLY A 52 12.46 -9.05 32.51
C GLY A 52 11.09 -8.48 32.82
N ALA A 53 10.06 -8.88 32.06
CA ALA A 53 8.72 -8.34 32.27
C ALA A 53 7.85 -9.27 33.12
N ASP A 54 7.02 -8.67 33.97
CA ASP A 54 5.88 -9.39 34.53
C ASP A 54 4.68 -9.32 33.57
N ILE A 55 3.73 -10.24 33.73
CA ILE A 55 2.70 -10.49 32.72
C ILE A 55 1.28 -10.45 33.29
N ILE A 56 0.38 -9.75 32.60
CA ILE A 56 -1.02 -9.92 32.88
C ILE A 56 -1.50 -10.70 31.67
N ALA A 57 -2.04 -11.88 31.93
CA ALA A 57 -2.35 -12.79 30.84
C ALA A 57 -3.82 -13.18 30.89
N ILE A 58 -4.52 -13.08 29.76
CA ILE A 58 -5.91 -13.54 29.72
C ILE A 58 -6.13 -14.43 28.51
N ASP A 59 -7.11 -15.33 28.67
CA ASP A 59 -7.54 -16.15 27.58
C ASP A 59 -8.91 -16.63 27.97
N VAL A 60 -9.75 -16.84 26.98
CA VAL A 60 -11.13 -17.23 27.23
C VAL A 60 -11.23 -18.65 27.77
N CYS A 61 -10.33 -19.53 27.34
CA CYS A 61 -10.21 -20.90 27.90
C CYS A 61 -11.54 -21.68 27.88
N LYS A 62 -12.33 -21.52 26.83
CA LYS A 62 -13.52 -22.34 26.63
C LYS A 62 -13.84 -22.43 25.15
N GLN A 63 -14.59 -23.46 24.81
CA GLN A 63 -14.94 -23.68 23.42
C GLN A 63 -16.11 -22.78 23.15
N LEU A 64 -15.90 -21.73 22.36
CA LEU A 64 -16.99 -20.78 22.02
C LEU A 64 -17.96 -21.37 21.02
N ASP A 65 -19.22 -20.98 21.20
CA ASP A 65 -20.34 -21.33 20.31
C ASP A 65 -20.00 -21.23 18.86
N GLY A 66 -20.19 -22.32 18.15
CA GLY A 66 -20.03 -22.26 16.71
C GLY A 66 -18.58 -22.31 16.26
N VAL A 67 -17.62 -22.30 17.19
CA VAL A 67 -16.21 -22.49 16.79
C VAL A 67 -15.89 -23.97 16.59
N LYS A 68 -15.38 -24.33 15.40
CA LYS A 68 -15.24 -25.77 15.03
C LYS A 68 -13.81 -26.37 15.24
N LEU A 69 -12.88 -25.53 15.65
CA LEU A 69 -11.51 -25.94 15.98
C LEU A 69 -11.35 -25.93 17.50
N PRO A 70 -10.60 -26.90 18.09
CA PRO A 70 -10.46 -26.88 19.55
C PRO A 70 -9.71 -25.64 20.05
N MET A 71 -10.36 -24.94 20.99
CA MET A 71 -9.79 -23.75 21.61
C MET A 71 -9.05 -24.14 22.89
N SER A 72 -8.28 -23.21 23.43
CA SER A 72 -7.52 -23.44 24.65
C SER A 72 -8.40 -23.83 25.84
N THR A 73 -7.81 -24.57 26.76
CA THR A 73 -8.46 -24.99 28.00
C THR A 73 -7.82 -24.25 29.19
N PRO A 74 -8.44 -24.34 30.39
CA PRO A 74 -7.83 -23.79 31.62
C PRO A 74 -6.45 -24.41 31.86
N ASP A 75 -6.29 -25.70 31.53
CA ASP A 75 -4.97 -26.35 31.63
C ASP A 75 -3.90 -25.68 30.76
N ASP A 76 -4.28 -25.22 29.56
CA ASP A 76 -3.31 -24.55 28.69
C ASP A 76 -2.82 -23.27 29.34
N LEU A 77 -3.74 -22.47 29.86
CA LEU A 77 -3.34 -21.22 30.49
C LEU A 77 -2.46 -21.48 31.72
N ALA A 78 -2.80 -22.56 32.48
CA ALA A 78 -2.01 -22.98 33.64
C ALA A 78 -0.56 -23.32 33.22
N GLU A 79 -0.37 -23.89 32.02
CA GLU A 79 0.94 -24.19 31.49
C GLU A 79 1.75 -22.90 31.11
N THR A 80 1.07 -21.91 30.51
CA THR A 80 1.74 -20.62 30.29
C THR A 80 2.23 -20.04 31.63
N VAL A 81 1.37 -20.13 32.65
CA VAL A 81 1.72 -19.63 33.95
C VAL A 81 2.99 -20.31 34.51
N ARG A 82 3.01 -21.63 34.43
CA ARG A 82 4.13 -22.43 34.91
CA ARG A 82 4.13 -22.43 34.93
C ARG A 82 5.45 -22.01 34.27
N GLN A 83 5.44 -21.86 32.96
CA GLN A 83 6.62 -21.45 32.21
C GLN A 83 7.08 -20.02 32.52
N VAL A 84 6.13 -19.10 32.67
CA VAL A 84 6.47 -17.75 33.08
C VAL A 84 7.05 -17.72 34.51
N GLU A 85 6.47 -18.49 35.42
CA GLU A 85 6.97 -18.45 36.79
C GLU A 85 8.33 -19.17 36.91
N ALA A 86 8.59 -20.17 36.04
CA ALA A 86 9.91 -20.81 35.96
C ALA A 86 11.04 -19.83 35.58
N LEU A 87 10.67 -18.74 34.91
CA LEU A 87 11.60 -17.68 34.55
C LEU A 87 11.75 -16.64 35.67
N GLY A 88 11.12 -16.84 36.82
CA GLY A 88 11.32 -15.99 37.98
C GLY A 88 10.52 -14.70 37.88
N ARG A 89 9.49 -14.67 37.03
CA ARG A 89 8.65 -13.50 36.90
C ARG A 89 7.28 -13.73 37.50
N ARG A 90 6.59 -12.63 37.83
CA ARG A 90 5.18 -12.67 38.22
C ARG A 90 4.23 -12.65 37.03
N ILE A 91 3.14 -13.41 37.16
CA ILE A 91 2.07 -13.45 36.13
C ILE A 91 0.72 -13.47 36.85
N ILE A 92 -0.18 -12.60 36.42
CA ILE A 92 -1.58 -12.62 36.88
C ILE A 92 -2.37 -13.09 35.67
N ALA A 93 -3.01 -14.25 35.78
CA ALA A 93 -3.67 -14.85 34.63
C ALA A 93 -5.12 -15.01 34.95
N SER A 94 -5.99 -14.74 33.97
CA SER A 94 -7.41 -15.03 34.20
C SER A 94 -8.16 -15.38 32.94
N GLN A 95 -9.32 -15.98 33.13
CA GLN A 95 -10.11 -16.48 32.02
C GLN A 95 -11.11 -15.41 31.71
N VAL A 96 -10.90 -14.72 30.59
CA VAL A 96 -11.70 -13.54 30.23
C VAL A 96 -11.93 -13.61 28.73
N ASP A 97 -13.15 -13.31 28.28
CA ASP A 97 -13.43 -13.17 26.85
C ASP A 97 -13.13 -11.72 26.44
N VAL A 98 -12.27 -11.52 25.43
CA VAL A 98 -11.96 -10.15 25.01
C VAL A 98 -13.19 -9.36 24.57
N ARG A 99 -14.33 -10.02 24.31
CA ARG A 99 -15.56 -9.28 23.93
C ARG A 99 -16.25 -8.63 25.12
N ASP A 100 -15.87 -9.06 26.32
CA ASP A 100 -16.60 -8.72 27.53
C ASP A 100 -15.90 -7.52 28.16
N PHE A 101 -16.40 -6.34 27.83
CA PHE A 101 -15.74 -5.11 28.19
C PHE A 101 -15.57 -5.00 29.71
N ASP A 102 -16.64 -5.28 30.45
CA ASP A 102 -16.59 -5.17 31.92
C ASP A 102 -15.59 -6.12 32.52
N ALA A 103 -15.53 -7.35 32.01
CA ALA A 103 -14.57 -8.31 32.56
C ALA A 103 -13.13 -8.01 32.13
N MET A 104 -12.95 -7.51 30.91
CA MET A 104 -11.63 -7.08 30.48
C MET A 104 -11.15 -5.92 31.33
N GLN A 105 -12.03 -4.95 31.56
CA GLN A 105 -11.67 -3.81 32.43
C GLN A 105 -11.29 -4.26 33.87
N ALA A 106 -12.09 -5.13 34.44
CA ALA A 106 -11.83 -5.67 35.76
C ALA A 106 -10.49 -6.41 35.80
N ALA A 107 -10.21 -7.26 34.79
CA ALA A 107 -8.97 -8.04 34.73
C ALA A 107 -7.73 -7.16 34.71
N VAL A 108 -7.67 -6.21 33.78
CA VAL A 108 -6.56 -5.29 33.68
C VAL A 108 -6.39 -4.42 34.96
N ASP A 109 -7.49 -3.87 35.48
CA ASP A 109 -7.44 -3.07 36.69
C ASP A 109 -6.85 -3.89 37.85
N ASP A 110 -7.36 -5.12 38.05
CA ASP A 110 -6.85 -5.95 39.15
CA ASP A 110 -6.87 -5.98 39.13
C ASP A 110 -5.40 -6.35 38.91
N GLY A 111 -5.02 -6.55 37.65
CA GLY A 111 -3.64 -6.88 37.30
C GLY A 111 -2.69 -5.73 37.61
N VAL A 112 -3.10 -4.51 37.28
CA VAL A 112 -2.24 -3.33 37.55
C VAL A 112 -2.16 -3.08 39.06
N THR A 113 -3.26 -3.35 39.76
CA THR A 113 -3.28 -3.26 41.23
C THR A 113 -2.24 -4.20 41.85
N GLN A 114 -2.05 -5.36 41.24
CA GLN A 114 -1.11 -6.33 41.76
C GLN A 114 0.32 -6.01 41.34
N LEU A 115 0.52 -5.61 40.08
CA LEU A 115 1.86 -5.45 39.55
C LEU A 115 2.33 -3.99 39.56
N GLY A 116 1.40 -3.04 39.69
CA GLY A 116 1.76 -1.64 39.88
C GLY A 116 1.93 -0.78 38.64
N ARG A 117 1.86 -1.38 37.44
CA ARG A 117 2.02 -0.60 36.22
C ARG A 117 1.60 -1.44 35.01
N LEU A 118 1.53 -0.80 33.84
CA LEU A 118 1.23 -1.48 32.57
C LEU A 118 1.99 -0.72 31.48
N ASP A 119 2.83 -1.45 30.73
CA ASP A 119 3.71 -0.82 29.74
C ASP A 119 3.47 -1.26 28.32
N ILE A 120 3.03 -2.50 28.18
CA ILE A 120 3.00 -3.13 26.87
C ILE A 120 1.69 -3.87 26.74
N VAL A 121 1.05 -3.75 25.59
CA VAL A 121 -0.18 -4.47 25.31
C VAL A 121 0.03 -5.26 24.02
N LEU A 122 -0.19 -6.57 24.07
CA LEU A 122 -0.12 -7.40 22.89
C LEU A 122 -1.51 -7.95 22.66
N ALA A 123 -2.22 -7.35 21.71
CA ALA A 123 -3.57 -7.78 21.32
C ALA A 123 -3.47 -8.95 20.33
N ASN A 124 -3.46 -10.17 20.88
CA ASN A 124 -3.10 -11.38 20.14
C ASN A 124 -4.26 -12.36 19.97
N ALA A 125 -5.21 -12.35 20.88
CA ALA A 125 -6.37 -13.25 20.83
C ALA A 125 -7.18 -13.09 19.52
N ALA A 126 -7.55 -14.21 18.91
CA ALA A 126 -8.40 -14.20 17.72
C ALA A 126 -8.98 -15.60 17.48
N LEU A 127 -9.99 -15.65 16.61
CA LEU A 127 -10.56 -16.89 16.09
C LEU A 127 -10.17 -16.99 14.66
N ALA A 128 -9.97 -18.21 14.18
CA ALA A 128 -9.63 -18.42 12.77
C ALA A 128 -10.95 -18.60 12.04
N SER A 129 -11.00 -18.32 10.76
CA SER A 129 -12.24 -18.52 10.01
C SER A 129 -12.60 -19.98 9.75
N GLU A 130 -13.91 -20.24 9.77
CA GLU A 130 -14.50 -21.56 9.49
C GLU A 130 -14.42 -21.92 8.01
N GLY A 131 -14.11 -20.94 7.16
CA GLY A 131 -13.99 -21.20 5.73
C GLY A 131 -15.34 -21.32 5.04
N THR A 132 -16.04 -20.20 4.88
CA THR A 132 -17.30 -20.15 4.16
C THR A 132 -17.20 -18.95 3.24
N ARG A 133 -17.68 -19.08 2.01
CA ARG A 133 -17.73 -17.97 1.06
C ARG A 133 -18.61 -16.86 1.63
N LEU A 134 -18.24 -15.62 1.38
CA LEU A 134 -18.96 -14.49 1.97
C LEU A 134 -20.40 -14.46 1.52
N ASN A 135 -20.68 -14.99 0.34
CA ASN A 135 -22.03 -14.97 -0.19
C ASN A 135 -22.93 -16.09 0.34
N ARG A 136 -22.34 -16.98 1.15
CA ARG A 136 -23.11 -18.08 1.81
C ARG A 136 -23.09 -17.92 3.34
N MET A 137 -22.31 -16.99 3.86
CA MET A 137 -22.13 -16.86 5.32
C MET A 137 -23.38 -16.38 6.09
N ASP A 138 -23.60 -16.95 7.29
CA ASP A 138 -24.65 -16.53 8.22
CA ASP A 138 -24.65 -16.50 8.19
C ASP A 138 -24.22 -15.21 8.91
N PRO A 139 -25.17 -14.32 9.23
CA PRO A 139 -24.77 -13.09 9.91
C PRO A 139 -24.10 -13.31 11.27
N LYS A 140 -24.48 -14.36 12.02
CA LYS A 140 -23.81 -14.67 13.31
C LYS A 140 -22.31 -15.04 13.14
N THR A 141 -22.00 -15.79 12.08
CA THR A 141 -20.61 -16.19 11.75
C THR A 141 -19.75 -14.98 11.38
N TRP A 142 -20.32 -14.10 10.56
CA TRP A 142 -19.67 -12.81 10.29
C TRP A 142 -19.46 -12.01 11.56
N ARG A 143 -20.54 -11.74 12.30
CA ARG A 143 -20.48 -10.79 13.43
C ARG A 143 -19.56 -11.25 14.55
N ASP A 144 -19.60 -12.55 14.85
CA ASP A 144 -18.80 -13.06 15.96
C ASP A 144 -17.31 -12.91 15.67
N MET A 145 -16.91 -13.17 14.42
CA MET A 145 -15.50 -13.03 13.99
C MET A 145 -15.04 -11.57 14.15
N ILE A 146 -15.88 -10.65 13.68
CA ILE A 146 -15.53 -9.24 13.81
C ILE A 146 -15.52 -8.86 15.29
N ASP A 147 -16.46 -9.39 16.05
CA ASP A 147 -16.52 -9.01 17.48
C ASP A 147 -15.26 -9.44 18.25
N VAL A 148 -14.71 -10.62 17.94
CA VAL A 148 -13.50 -11.11 18.66
C VAL A 148 -12.27 -10.42 18.13
N ASN A 149 -12.11 -10.42 16.81
CA ASN A 149 -10.80 -10.12 16.23
C ASN A 149 -10.54 -8.65 16.10
N LEU A 150 -11.62 -7.88 15.92
CA LEU A 150 -11.50 -6.44 15.73
C LEU A 150 -12.00 -5.67 16.96
N ASN A 151 -13.28 -5.83 17.31
CA ASN A 151 -13.82 -5.18 18.50
C ASN A 151 -13.11 -5.61 19.79
N GLY A 152 -12.82 -6.89 19.94
CA GLY A 152 -12.08 -7.37 21.12
C GLY A 152 -10.64 -6.80 21.20
N ALA A 153 -10.06 -6.54 20.04
CA ALA A 153 -8.74 -5.92 19.94
C ALA A 153 -8.84 -4.48 20.41
N TRP A 154 -9.86 -3.79 19.92
CA TRP A 154 -10.12 -2.46 20.45
C TRP A 154 -10.35 -2.47 21.96
N ILE A 155 -11.21 -3.37 22.44
CA ILE A 155 -11.45 -3.45 23.90
C ILE A 155 -10.15 -3.60 24.68
N THR A 156 -9.29 -4.48 24.18
CA THR A 156 -7.99 -4.79 24.78
C THR A 156 -7.18 -3.51 24.98
N ALA A 157 -7.05 -2.73 23.90
CA ALA A 157 -6.28 -1.48 23.98
C ALA A 157 -7.00 -0.47 24.89
N ARG A 158 -8.32 -0.39 24.72
CA ARG A 158 -9.11 0.59 25.43
C ARG A 158 -9.02 0.49 26.96
N VAL A 159 -9.07 -0.74 27.50
CA VAL A 159 -9.01 -0.93 28.96
C VAL A 159 -7.58 -0.69 29.47
N ALA A 160 -6.58 -0.87 28.60
CA ALA A 160 -5.16 -0.81 29.02
C ALA A 160 -4.56 0.60 29.00
N ILE A 161 -4.97 1.39 28.01
CA ILE A 161 -4.34 2.69 27.74
C ILE A 161 -4.37 3.67 28.96
N PRO A 162 -5.50 3.77 29.69
CA PRO A 162 -5.52 4.62 30.90
C PRO A 162 -4.41 4.28 31.89
N HIS A 163 -4.11 2.97 32.04
CA HIS A 163 -3.00 2.56 32.90
C HIS A 163 -1.65 2.90 32.34
N ILE A 164 -1.49 2.78 31.03
CA ILE A 164 -0.20 3.14 30.44
C ILE A 164 0.06 4.64 30.62
N MET A 165 -0.95 5.46 30.32
CA MET A 165 -0.89 6.92 30.47
C MET A 165 -0.60 7.33 31.92
N ALA A 166 -1.29 6.69 32.86
CA ALA A 166 -1.10 6.97 34.27
C ALA A 166 0.35 6.75 34.68
N GLY A 167 1.06 5.86 33.98
CA GLY A 167 2.46 5.55 34.34
C GLY A 167 3.47 6.59 33.90
N LYS A 168 3.07 7.45 32.96
CA LYS A 168 3.84 8.61 32.50
C LYS A 168 5.23 8.24 31.92
N ARG A 169 5.38 7.00 31.43
CA ARG A 169 6.66 6.50 30.89
CA ARG A 169 6.67 6.51 30.89
C ARG A 169 6.53 6.05 29.43
N GLY A 170 5.41 6.40 28.81
CA GLY A 170 5.13 5.92 27.49
C GLY A 170 4.88 4.42 27.49
N GLY A 171 4.94 3.79 26.32
CA GLY A 171 4.59 2.39 26.28
C GLY A 171 4.48 1.90 24.87
N SER A 172 4.00 0.67 24.73
CA SER A 172 3.94 0.00 23.41
C SER A 172 2.71 -0.84 23.28
N ILE A 173 2.02 -0.69 22.15
CA ILE A 173 0.87 -1.55 21.86
C ILE A 173 1.16 -2.22 20.53
N VAL A 174 1.04 -3.55 20.49
CA VAL A 174 1.22 -4.26 19.24
C VAL A 174 -0.03 -5.09 18.99
N PHE A 175 -0.68 -4.85 17.85
CA PHE A 175 -1.74 -5.73 17.43
C PHE A 175 -1.18 -6.83 16.53
N THR A 176 -1.65 -8.05 16.75
CA THR A 176 -1.33 -9.10 15.79
C THR A 176 -2.35 -9.14 14.66
N SER A 177 -1.89 -8.83 13.47
CA SER A 177 -2.74 -8.84 12.29
C SER A 177 -2.39 -10.13 11.58
N SER A 178 -2.09 -10.06 10.28
CA SER A 178 -1.86 -11.26 9.47
C SER A 178 -1.47 -10.71 8.10
N ILE A 179 -0.86 -11.51 7.23
CA ILE A 179 -0.74 -11.06 5.84
C ILE A 179 -2.16 -10.85 5.26
N GLY A 180 -3.13 -11.53 5.85
CA GLY A 180 -4.57 -11.32 5.58
C GLY A 180 -5.16 -10.01 6.11
N GLY A 181 -4.35 -9.21 6.81
CA GLY A 181 -4.72 -7.82 7.04
C GLY A 181 -4.29 -6.89 5.90
N LEU A 182 -3.50 -7.42 4.95
CA LEU A 182 -2.93 -6.62 3.87
C LEU A 182 -3.37 -7.12 2.48
N ARG A 183 -3.94 -8.31 2.41
CA ARG A 183 -4.47 -8.80 1.15
C ARG A 183 -5.57 -9.79 1.43
N GLY A 184 -6.36 -10.13 0.43
CA GLY A 184 -7.53 -10.99 0.65
C GLY A 184 -7.16 -12.46 0.49
N ALA A 185 -8.11 -13.35 0.81
CA ALA A 185 -7.93 -14.79 0.62
C ALA A 185 -9.35 -15.31 0.47
N GLU A 186 -9.60 -16.27 -0.41
CA GLU A 186 -10.93 -16.88 -0.51
C GLU A 186 -11.22 -17.68 0.75
N ASN A 187 -12.51 -17.77 1.08
CA ASN A 187 -13.07 -18.67 2.11
C ASN A 187 -12.98 -18.19 3.54
N ILE A 188 -12.16 -17.16 3.79
CA ILE A 188 -11.89 -16.67 5.14
C ILE A 188 -12.13 -15.15 5.27
N GLY A 189 -13.12 -14.66 4.54
CA GLY A 189 -13.30 -13.23 4.37
C GLY A 189 -13.73 -12.50 5.63
N ASN A 190 -14.44 -13.16 6.56
CA ASN A 190 -14.70 -12.52 7.87
C ASN A 190 -13.40 -12.23 8.66
N TYR A 191 -12.51 -13.22 8.63
CA TYR A 191 -11.21 -13.06 9.27
C TYR A 191 -10.38 -11.97 8.55
N ILE A 192 -10.38 -12.00 7.20
CA ILE A 192 -9.66 -10.97 6.40
C ILE A 192 -10.16 -9.53 6.73
N ALA A 193 -11.47 -9.34 6.68
CA ALA A 193 -12.06 -8.05 7.08
C ALA A 193 -11.67 -7.61 8.49
N SER A 194 -11.74 -8.54 9.46
CA SER A 194 -11.42 -8.16 10.84
C SER A 194 -9.96 -7.69 10.92
N LYS A 195 -9.07 -8.39 10.23
CA LYS A 195 -7.64 -8.06 10.29
C LYS A 195 -7.36 -6.78 9.57
N HIS A 196 -7.99 -6.56 8.41
CA HIS A 196 -7.88 -5.25 7.78
C HIS A 196 -8.32 -4.14 8.71
N GLY A 197 -9.40 -4.35 9.47
CA GLY A 197 -9.89 -3.35 10.41
C GLY A 197 -8.85 -2.93 11.45
N LEU A 198 -8.03 -3.89 11.91
CA LEU A 198 -6.93 -3.60 12.85
C LEU A 198 -5.96 -2.54 12.34
N HIS A 199 -5.70 -2.51 11.04
CA HIS A 199 -4.77 -1.50 10.50
C HIS A 199 -5.31 -0.10 10.68
N GLY A 200 -6.64 0.06 10.60
CA GLY A 200 -7.22 1.37 10.88
C GLY A 200 -7.19 1.71 12.36
N LEU A 201 -7.55 0.73 13.19
CA LEU A 201 -7.41 0.87 14.63
C LEU A 201 -6.00 1.30 15.00
N MET A 202 -5.00 0.63 14.43
CA MET A 202 -3.59 0.85 14.80
C MET A 202 -3.23 2.29 14.40
N ARG A 203 -3.63 2.71 13.21
CA ARG A 203 -3.22 4.01 12.69
C ARG A 203 -3.78 5.15 13.54
N THR A 204 -5.07 5.06 13.89
CA THR A 204 -5.68 6.11 14.68
C THR A 204 -5.05 6.17 16.04
N MET A 205 -4.87 5.00 16.63
CA MET A 205 -4.36 4.93 17.96
C MET A 205 -2.90 5.45 18.00
N ALA A 206 -2.09 5.08 17.00
CA ALA A 206 -0.72 5.62 16.88
C ALA A 206 -0.71 7.15 16.82
N LEU A 207 -1.65 7.71 16.06
CA LEU A 207 -1.81 9.15 15.96
C LEU A 207 -2.22 9.76 17.28
N GLU A 208 -3.21 9.15 17.95
CA GLU A 208 -3.74 9.68 19.18
C GLU A 208 -2.74 9.59 20.34
N LEU A 209 -1.86 8.58 20.34
CA LEU A 209 -1.08 8.30 21.54
C LEU A 209 0.38 8.62 21.39
N GLY A 210 0.80 8.83 20.14
CA GLY A 210 2.19 9.19 19.83
C GLY A 210 2.73 10.40 20.60
N PRO A 211 1.94 11.48 20.72
CA PRO A 211 2.43 12.61 21.52
C PRO A 211 2.70 12.25 23.00
N ARG A 212 2.09 11.15 23.47
CA ARG A 212 2.36 10.66 24.81
C ARG A 212 3.43 9.56 24.84
N ASN A 213 4.19 9.40 23.76
CA ASN A 213 5.27 8.41 23.68
CA ASN A 213 5.26 8.42 23.71
C ASN A 213 4.74 6.97 23.83
N ILE A 214 3.50 6.75 23.41
CA ILE A 214 3.00 5.35 23.33
C ILE A 214 3.03 4.97 21.85
N ARG A 215 3.92 4.04 21.53
CA ARG A 215 4.04 3.57 20.16
CA ARG A 215 4.11 3.48 20.17
C ARG A 215 3.02 2.46 19.90
N VAL A 216 2.48 2.44 18.69
CA VAL A 216 1.45 1.50 18.32
C VAL A 216 1.79 0.90 16.96
N ASN A 217 1.94 -0.42 16.92
CA ASN A 217 2.34 -1.11 15.71
C ASN A 217 1.55 -2.40 15.49
N ILE A 218 1.75 -2.99 14.32
CA ILE A 218 1.13 -4.24 13.95
C ILE A 218 2.23 -5.19 13.54
N VAL A 219 2.09 -6.48 13.86
CA VAL A 219 2.89 -7.49 13.17
C VAL A 219 1.98 -8.31 12.28
N CYS A 220 2.45 -8.64 11.07
CA CYS A 220 1.69 -9.43 10.11
C CYS A 220 2.39 -10.77 9.82
N PRO A 221 2.08 -11.83 10.58
CA PRO A 221 2.63 -13.18 10.29
C PRO A 221 1.94 -13.76 9.03
N SER A 222 2.65 -14.62 8.30
CA SER A 222 2.00 -15.40 7.24
C SER A 222 1.20 -16.59 7.82
N SER A 223 1.91 -17.65 8.14
CA SER A 223 1.33 -18.86 8.78
C SER A 223 2.29 -19.15 9.91
N VAL A 224 1.75 -19.53 11.07
CA VAL A 224 2.57 -19.74 12.25
C VAL A 224 2.24 -21.15 12.80
N ALA A 225 3.28 -21.90 13.21
CA ALA A 225 3.08 -23.26 13.71
C ALA A 225 2.38 -23.30 15.06
N THR A 226 1.05 -23.18 15.06
CA THR A 226 0.24 -23.24 16.29
C THR A 226 -1.01 -24.10 15.99
N PRO A 227 -1.82 -24.43 17.01
CA PRO A 227 -3.02 -25.26 16.67
C PRO A 227 -4.01 -24.56 15.74
N MET A 228 -3.93 -23.24 15.62
CA MET A 228 -4.83 -22.49 14.72
C MET A 228 -4.57 -22.88 13.26
N LEU A 229 -3.32 -23.23 12.96
CA LEU A 229 -2.89 -23.59 11.61
C LEU A 229 -2.85 -25.12 11.38
N LEU A 230 -2.36 -25.83 12.38
CA LEU A 230 -1.96 -27.21 12.17
C LEU A 230 -3.14 -28.10 12.51
N ASN A 231 -4.16 -28.07 11.67
CA ASN A 231 -5.35 -28.88 11.89
C ASN A 231 -5.88 -29.33 10.53
N GLU A 232 -6.59 -30.44 10.52
CA GLU A 232 -7.08 -31.01 9.27
C GLU A 232 -7.96 -30.06 8.43
N PRO A 233 -8.93 -29.35 9.06
CA PRO A 233 -9.69 -28.40 8.20
C PRO A 233 -8.80 -27.39 7.45
N THR A 234 -7.68 -26.96 8.06
CA THR A 234 -6.76 -26.04 7.37
C THR A 234 -6.04 -26.75 6.22
N TYR A 235 -5.60 -27.99 6.45
CA TYR A 235 -4.87 -28.72 5.40
C TYR A 235 -5.78 -28.91 4.16
N ARG A 236 -7.06 -29.19 4.44
CA ARG A 236 -8.10 -29.34 3.42
C ARG A 236 -8.35 -28.05 2.66
N MET A 237 -8.32 -26.93 3.38
CA MET A 237 -8.45 -25.63 2.76
C MET A 237 -7.27 -25.28 1.86
N PHE A 238 -6.06 -25.67 2.25
CA PHE A 238 -4.84 -25.42 1.46
C PHE A 238 -4.67 -26.38 0.30
N ARG A 239 -5.30 -27.55 0.37
CA ARG A 239 -5.14 -28.50 -0.73
C ARG A 239 -6.48 -28.94 -1.27
N PRO A 240 -7.21 -28.03 -1.91
CA PRO A 240 -8.49 -28.41 -2.54
C PRO A 240 -8.30 -29.37 -3.73
N ASP A 241 -7.07 -29.60 -4.13
CA ASP A 241 -6.79 -30.57 -5.18
C ASP A 241 -6.68 -32.01 -4.65
N LEU A 242 -6.63 -32.18 -3.33
CA LEU A 242 -6.50 -33.52 -2.75
C LEU A 242 -7.73 -33.87 -1.91
N GLU A 243 -8.10 -35.15 -1.88
CA GLU A 243 -9.31 -35.57 -1.19
C GLU A 243 -9.16 -35.60 0.34
N ASN A 244 -8.00 -36.04 0.84
CA ASN A 244 -7.76 -36.09 2.29
C ASN A 244 -6.31 -35.72 2.67
N PRO A 245 -5.95 -34.43 2.54
CA PRO A 245 -4.54 -34.02 2.71
C PRO A 245 -3.95 -34.28 4.12
N THR A 246 -2.67 -34.62 4.20
CA THR A 246 -1.99 -34.72 5.48
C THR A 246 -1.28 -33.37 5.75
N VAL A 247 -0.70 -33.22 6.96
CA VAL A 247 0.15 -32.06 7.25
C VAL A 247 1.27 -31.90 6.22
N GLU A 248 1.81 -33.00 5.70
CA GLU A 248 2.88 -32.91 4.70
C GLU A 248 2.39 -32.31 3.38
N ASP A 249 1.20 -32.70 2.93
CA ASP A 249 0.55 -32.13 1.76
C ASP A 249 0.30 -30.62 1.91
N PHE A 250 -0.15 -30.23 3.10
CA PHE A 250 -0.23 -28.84 3.46
C PHE A 250 1.15 -28.12 3.39
N GLN A 251 2.17 -28.71 4.02
CA GLN A 251 3.50 -28.07 4.00
C GLN A 251 4.01 -27.83 2.59
N VAL A 252 3.78 -28.80 1.70
CA VAL A 252 4.14 -28.63 0.29
C VAL A 252 3.54 -27.37 -0.36
N ALA A 253 2.22 -27.22 -0.29
CA ALA A 253 1.57 -26.04 -0.84
C ALA A 253 2.04 -24.80 -0.11
N SER A 254 2.10 -24.86 1.22
CA SER A 254 2.44 -23.68 2.01
C SER A 254 3.85 -23.19 1.70
N ARG A 255 4.76 -24.11 1.45
CA ARG A 255 6.10 -23.75 1.06
C ARG A 255 6.14 -22.99 -0.29
N GLN A 256 5.29 -23.42 -1.21
CA GLN A 256 5.14 -22.72 -2.47
C GLN A 256 4.54 -21.32 -2.29
N MET A 257 3.74 -21.09 -1.26
CA MET A 257 3.20 -19.75 -1.04
C MET A 257 4.21 -18.78 -0.46
N HIS A 258 5.34 -19.27 0.06
CA HIS A 258 6.35 -18.39 0.65
C HIS A 258 7.44 -18.18 -0.34
N VAL A 259 8.29 -17.20 -0.07
CA VAL A 259 9.44 -16.92 -0.91
C VAL A 259 10.69 -17.60 -0.33
N LEU A 260 10.93 -17.43 0.95
CA LEU A 260 11.85 -18.33 1.64
C LEU A 260 11.15 -19.68 1.67
N PRO A 261 11.88 -20.78 1.37
CA PRO A 261 11.12 -22.03 1.18
C PRO A 261 10.75 -22.66 2.55
N ILE A 262 9.83 -22.03 3.27
CA ILE A 262 9.37 -22.54 4.56
C ILE A 262 7.85 -22.67 4.49
N PRO A 263 7.26 -23.61 5.26
CA PRO A 263 5.81 -23.77 5.25
C PRO A 263 5.11 -22.79 6.22
N TYR A 264 5.86 -22.19 7.13
CA TYR A 264 5.30 -21.35 8.22
C TYR A 264 6.46 -20.83 9.03
N VAL A 265 6.23 -19.82 9.83
CA VAL A 265 7.22 -19.39 10.81
C VAL A 265 6.89 -20.07 12.16
N GLU A 266 7.75 -19.90 13.17
CA GLU A 266 7.49 -20.41 14.53
C GLU A 266 6.88 -19.29 15.38
N PRO A 267 6.16 -19.65 16.46
CA PRO A 267 5.72 -18.60 17.37
C PRO A 267 6.88 -17.71 17.82
N ALA A 268 8.07 -18.28 18.06
CA ALA A 268 9.28 -17.52 18.45
C ALA A 268 9.68 -16.42 17.44
N ASP A 269 9.44 -16.64 16.15
CA ASP A 269 9.75 -15.60 15.15
C ASP A 269 8.84 -14.40 15.36
N ILE A 270 7.58 -14.65 15.66
CA ILE A 270 6.71 -13.52 15.96
C ILE A 270 7.07 -12.84 17.29
N SER A 271 7.36 -13.64 18.30
CA SER A 271 7.81 -13.10 19.58
C SER A 271 9.07 -12.25 19.45
N ASN A 272 10.00 -12.65 18.57
CA ASN A 272 11.25 -11.93 18.41
C ASN A 272 11.06 -10.57 17.73
N ALA A 273 10.13 -10.51 16.75
CA ALA A 273 9.76 -9.28 16.10
C ALA A 273 9.05 -8.36 17.11
N ILE A 274 8.17 -8.90 17.92
CA ILE A 274 7.50 -8.10 18.94
C ILE A 274 8.51 -7.58 19.94
N LEU A 275 9.45 -8.45 20.36
CA LEU A 275 10.46 -8.06 21.33
C LEU A 275 11.29 -6.87 20.80
N PHE A 276 11.70 -6.95 19.53
CA PHE A 276 12.34 -5.78 18.89
C PHE A 276 11.45 -4.53 19.03
N LEU A 277 10.18 -4.64 18.61
CA LEU A 277 9.28 -3.48 18.55
C LEU A 277 9.04 -2.82 19.91
N VAL A 278 8.97 -3.62 20.98
CA VAL A 278 8.76 -3.06 22.32
C VAL A 278 10.05 -2.64 23.03
N SER A 279 11.19 -2.97 22.45
CA SER A 279 12.49 -2.67 23.06
C SER A 279 12.95 -1.23 22.74
N ASP A 280 13.95 -0.78 23.49
CA ASP A 280 14.59 0.55 23.23
C ASP A 280 15.23 0.66 21.86
N ASP A 281 15.65 -0.46 21.28
CA ASP A 281 16.19 -0.42 19.92
C ASP A 281 15.16 0.06 18.88
N ALA A 282 13.87 -0.03 19.21
CA ALA A 282 12.78 0.42 18.31
C ALA A 282 12.02 1.62 18.87
N ARG A 283 12.71 2.43 19.69
CA ARG A 283 12.11 3.55 20.37
C ARG A 283 11.35 4.54 19.50
N TYR A 284 11.73 4.70 18.23
CA TYR A 284 11.03 5.64 17.37
C TYR A 284 10.20 5.03 16.26
N ILE A 285 9.91 3.74 16.37
CA ILE A 285 9.08 3.06 15.40
C ILE A 285 7.61 3.05 15.86
N THR A 286 6.74 3.69 15.09
CA THR A 286 5.31 3.65 15.39
C THR A 286 4.53 3.77 14.09
N GLY A 287 3.32 3.22 14.11
CA GLY A 287 2.45 3.24 12.93
C GLY A 287 2.80 2.22 11.85
N VAL A 288 3.68 1.28 12.16
CA VAL A 288 4.10 0.31 11.15
C VAL A 288 3.37 -1.05 11.23
N SER A 289 3.22 -1.66 10.07
CA SER A 289 2.85 -3.06 9.95
C SER A 289 4.07 -3.85 9.52
N LEU A 290 4.57 -4.69 10.38
CA LEU A 290 5.78 -5.44 10.09
C LEU A 290 5.43 -6.89 9.69
N PRO A 291 5.52 -7.23 8.37
CA PRO A 291 5.25 -8.61 7.98
C PRO A 291 6.38 -9.52 8.48
N VAL A 292 6.01 -10.65 9.09
CA VAL A 292 6.95 -11.70 9.43
C VAL A 292 6.45 -12.93 8.67
N ASP A 293 6.82 -12.98 7.41
CA ASP A 293 6.02 -13.75 6.48
C ASP A 293 6.78 -14.56 5.46
N GLY A 294 8.09 -14.66 5.63
CA GLY A 294 8.87 -15.48 4.67
C GLY A 294 8.72 -14.98 3.25
N GLY A 295 8.38 -13.69 3.11
CA GLY A 295 8.21 -13.05 1.79
C GLY A 295 6.86 -13.36 1.10
N ALA A 296 5.92 -14.00 1.82
CA ALA A 296 4.61 -14.40 1.21
C ALA A 296 3.89 -13.28 0.47
N LEU A 297 3.99 -12.06 1.03
CA LEU A 297 3.36 -10.89 0.44
C LEU A 297 3.96 -10.47 -0.89
N LEU A 298 5.16 -10.98 -1.20
CA LEU A 298 5.81 -10.62 -2.49
C LEU A 298 5.15 -11.26 -3.69
N LYS A 299 4.35 -12.30 -3.46
CA LYS A 299 3.69 -12.92 -4.60
C LYS A 299 2.21 -13.20 -4.41
N ALA B 23 -21.18 16.24 -28.14
CA ALA B 23 -19.72 16.55 -28.11
C ALA B 23 -18.94 15.54 -27.24
N GLY B 24 -17.76 15.13 -27.71
CA GLY B 24 -17.01 14.08 -27.05
C GLY B 24 -16.35 14.47 -25.76
N LYS B 25 -15.82 13.47 -25.06
CA LYS B 25 -15.23 13.68 -23.76
C LYS B 25 -13.99 14.61 -23.71
N VAL B 26 -13.30 14.80 -24.82
CA VAL B 26 -12.08 15.64 -24.81
C VAL B 26 -12.13 16.59 -26.00
N GLU B 27 -13.35 17.03 -26.30
CA GLU B 27 -13.60 17.96 -27.40
C GLU B 27 -12.75 19.22 -27.24
N GLY B 28 -12.13 19.63 -28.33
CA GLY B 28 -11.29 20.83 -28.39
C GLY B 28 -9.93 20.71 -27.73
N LYS B 29 -9.62 19.54 -27.17
CA LYS B 29 -8.33 19.42 -26.47
C LYS B 29 -7.23 18.80 -27.34
N VAL B 30 -6.02 18.80 -26.79
CA VAL B 30 -4.84 18.28 -27.47
C VAL B 30 -4.11 17.34 -26.51
N ALA B 31 -3.77 16.14 -26.98
CA ALA B 31 -2.99 15.19 -26.17
C ALA B 31 -1.65 14.84 -26.82
N PHE B 32 -0.59 14.83 -26.02
CA PHE B 32 0.72 14.39 -26.39
C PHE B 32 0.89 12.94 -25.93
N ILE B 33 1.23 12.03 -26.87
CA ILE B 33 1.22 10.58 -26.61
C ILE B 33 2.54 10.01 -27.10
N THR B 34 3.27 9.35 -26.20
CA THR B 34 4.53 8.69 -26.60
C THR B 34 4.28 7.23 -26.89
N GLY B 35 5.12 6.66 -27.75
CA GLY B 35 4.95 5.31 -28.25
C GLY B 35 3.62 5.12 -28.95
N ALA B 36 3.25 6.10 -29.76
CA ALA B 36 1.96 6.09 -30.45
C ALA B 36 1.94 5.29 -31.77
N ALA B 37 3.06 4.64 -32.13
CA ALA B 37 3.08 3.91 -33.40
C ALA B 37 2.23 2.63 -33.46
N ARG B 38 1.92 2.01 -32.31
CA ARG B 38 1.19 0.73 -32.31
C ARG B 38 0.75 0.48 -30.89
N GLY B 39 0.07 -0.65 -30.68
CA GLY B 39 -0.15 -1.15 -29.32
C GLY B 39 -1.02 -0.16 -28.59
N GLN B 40 -0.78 -0.02 -27.30
CA GLN B 40 -1.57 0.85 -26.48
C GLN B 40 -1.48 2.32 -26.93
N GLY B 41 -0.30 2.78 -27.29
CA GLY B 41 -0.14 4.20 -27.74
C GLY B 41 -1.09 4.50 -28.91
N ARG B 42 -1.11 3.62 -29.91
CA ARG B 42 -2.05 3.85 -31.04
C ARG B 42 -3.52 3.84 -30.62
N SER B 43 -3.86 2.90 -29.74
CA SER B 43 -5.22 2.80 -29.20
C SER B 43 -5.60 4.10 -28.48
N HIS B 44 -4.66 4.62 -27.67
CA HIS B 44 -4.95 5.91 -26.98
C HIS B 44 -5.24 7.04 -27.96
N ALA B 45 -4.38 7.17 -28.96
CA ALA B 45 -4.54 8.19 -29.99
C ALA B 45 -5.92 8.11 -30.64
N ILE B 46 -6.31 6.92 -31.08
CA ILE B 46 -7.57 6.81 -31.79
C ILE B 46 -8.78 7.00 -30.86
N THR B 47 -8.68 6.53 -29.61
CA THR B 47 -9.75 6.71 -28.63
C THR B 47 -9.94 8.19 -28.30
N LEU B 48 -8.84 8.89 -28.02
CA LEU B 48 -8.95 10.33 -27.71
C LEU B 48 -9.35 11.11 -28.97
N ALA B 49 -8.84 10.72 -30.14
CA ALA B 49 -9.29 11.38 -31.41
C ALA B 49 -10.81 11.18 -31.62
N ARG B 50 -11.31 9.96 -31.37
CA ARG B 50 -12.73 9.70 -31.51
CA ARG B 50 -12.74 9.66 -31.48
C ARG B 50 -13.54 10.62 -30.61
N GLU B 51 -13.00 10.89 -29.42
CA GLU B 51 -13.64 11.72 -28.41
C GLU B 51 -13.31 13.22 -28.50
N GLY B 52 -12.65 13.65 -29.57
CA GLY B 52 -12.60 15.06 -29.93
C GLY B 52 -11.24 15.71 -29.86
N ALA B 53 -10.22 14.97 -29.42
CA ALA B 53 -8.89 15.57 -29.25
C ALA B 53 -8.03 15.48 -30.50
N ASP B 54 -7.23 16.51 -30.74
CA ASP B 54 -6.15 16.40 -31.69
C ASP B 54 -4.92 15.86 -30.96
N ILE B 55 -3.95 15.37 -31.73
CA ILE B 55 -2.90 14.51 -31.17
C ILE B 55 -1.52 14.96 -31.62
N ILE B 56 -0.57 15.00 -30.67
CA ILE B 56 0.86 15.10 -30.96
C ILE B 56 1.41 13.73 -30.65
N ALA B 57 1.81 13.01 -31.69
CA ALA B 57 2.21 11.61 -31.52
C ALA B 57 3.71 11.47 -31.75
N ILE B 58 4.40 10.77 -30.85
CA ILE B 58 5.80 10.38 -31.12
C ILE B 58 6.06 8.91 -30.93
N ASP B 59 7.06 8.40 -31.63
CA ASP B 59 7.53 7.05 -31.41
C ASP B 59 8.96 6.99 -31.94
N VAL B 60 9.77 6.10 -31.38
CA VAL B 60 11.20 6.07 -31.80
C VAL B 60 11.33 5.51 -33.21
N CYS B 61 10.39 4.64 -33.60
CA CYS B 61 10.33 4.06 -34.97
C CYS B 61 11.66 3.49 -35.47
N LYS B 62 12.37 2.80 -34.59
CA LYS B 62 13.71 2.34 -34.90
C LYS B 62 13.97 1.12 -34.04
N GLN B 63 14.76 0.19 -34.56
CA GLN B 63 15.16 -0.96 -33.79
C GLN B 63 16.32 -0.59 -32.86
N LEU B 64 16.04 -0.47 -31.58
CA LEU B 64 17.05 -0.06 -30.59
C LEU B 64 18.05 -1.17 -30.25
N ASP B 65 19.34 -0.79 -30.11
CA ASP B 65 20.42 -1.76 -29.86
C ASP B 65 20.12 -2.52 -28.59
N GLY B 66 20.13 -3.84 -28.65
CA GLY B 66 19.88 -4.67 -27.47
C GLY B 66 18.46 -5.20 -27.29
N VAL B 67 17.55 -4.78 -28.15
CA VAL B 67 16.16 -5.29 -28.12
C VAL B 67 16.04 -6.36 -29.20
N LYS B 68 15.54 -7.54 -28.83
CA LYS B 68 15.44 -8.69 -29.76
C LYS B 68 14.14 -8.65 -30.59
N LEU B 69 13.03 -8.25 -29.97
CA LEU B 69 11.73 -8.24 -30.69
C LEU B 69 11.52 -7.01 -31.60
N PRO B 70 10.81 -7.21 -32.74
CA PRO B 70 10.72 -6.12 -33.73
C PRO B 70 10.00 -4.89 -33.15
N MET B 71 10.65 -3.73 -33.25
CA MET B 71 10.07 -2.52 -32.73
C MET B 71 9.25 -1.87 -33.84
N SER B 72 8.51 -0.82 -33.50
CA SER B 72 7.67 -0.14 -34.46
C SER B 72 8.51 0.50 -35.56
N THR B 73 7.93 0.60 -36.76
CA THR B 73 8.60 1.18 -37.93
C THR B 73 8.03 2.58 -38.22
N PRO B 74 8.71 3.36 -39.12
CA PRO B 74 8.04 4.59 -39.60
C PRO B 74 6.64 4.33 -40.19
N ASP B 75 6.46 3.24 -40.94
CA ASP B 75 5.13 2.91 -41.50
C ASP B 75 4.07 2.71 -40.42
N ASP B 76 4.49 2.16 -39.28
CA ASP B 76 3.58 1.96 -38.15
C ASP B 76 3.04 3.30 -37.65
N LEU B 77 3.91 4.26 -37.47
CA LEU B 77 3.47 5.60 -37.02
C LEU B 77 2.57 6.26 -38.07
N ALA B 78 2.91 6.07 -39.34
CA ALA B 78 2.07 6.62 -40.45
C ALA B 78 0.64 6.00 -40.43
N GLU B 79 0.53 4.74 -40.03
CA GLU B 79 -0.80 4.09 -39.87
C GLU B 79 -1.61 4.73 -38.72
N THR B 80 -0.97 4.97 -37.58
CA THR B 80 -1.65 5.72 -36.52
C THR B 80 -2.19 7.06 -37.04
N VAL B 81 -1.33 7.81 -37.72
CA VAL B 81 -1.72 9.06 -38.37
C VAL B 81 -2.95 8.88 -39.29
N ARG B 82 -2.86 7.92 -40.18
CA ARG B 82 -3.97 7.64 -41.10
C ARG B 82 -5.26 7.37 -40.32
N GLN B 83 -5.17 6.57 -39.25
CA GLN B 83 -6.42 6.27 -38.53
C GLN B 83 -6.95 7.50 -37.79
N VAL B 84 -6.05 8.33 -37.25
CA VAL B 84 -6.50 9.57 -36.60
C VAL B 84 -7.11 10.54 -37.63
N GLU B 85 -6.45 10.71 -38.77
CA GLU B 85 -7.00 11.59 -39.80
C GLU B 85 -8.36 11.06 -40.34
N ALA B 86 -8.51 9.75 -40.43
CA ALA B 86 -9.81 9.16 -40.83
C ALA B 86 -10.96 9.58 -39.91
N LEU B 87 -10.67 9.79 -38.62
CA LEU B 87 -11.66 10.28 -37.69
C LEU B 87 -11.94 11.78 -37.76
N GLY B 88 -11.29 12.48 -38.69
CA GLY B 88 -11.46 13.92 -38.92
C GLY B 88 -10.70 14.78 -37.92
N ARG B 89 -9.65 14.24 -37.34
CA ARG B 89 -8.93 14.97 -36.30
C ARG B 89 -7.54 15.27 -36.82
N ARG B 90 -6.86 16.21 -36.19
CA ARG B 90 -5.52 16.57 -36.62
C ARG B 90 -4.48 15.85 -35.76
N ILE B 91 -3.38 15.46 -36.39
CA ILE B 91 -2.30 14.76 -35.72
C ILE B 91 -0.97 15.19 -36.30
N ILE B 92 -0.02 15.52 -35.42
CA ILE B 92 1.31 15.93 -35.79
C ILE B 92 2.20 14.83 -35.24
N ALA B 93 2.83 14.08 -36.12
CA ALA B 93 3.57 12.90 -35.64
C ALA B 93 5.02 13.04 -36.00
N SER B 94 5.92 12.52 -35.16
CA SER B 94 7.35 12.50 -35.52
C SER B 94 8.10 11.37 -34.85
N GLN B 95 9.32 11.10 -35.32
CA GLN B 95 10.13 10.01 -34.79
C GLN B 95 11.13 10.56 -33.76
N VAL B 96 10.93 10.20 -32.49
CA VAL B 96 11.62 10.84 -31.38
C VAL B 96 11.85 9.75 -30.36
N ASP B 97 13.07 9.67 -29.84
CA ASP B 97 13.37 8.82 -28.70
C ASP B 97 13.03 9.57 -27.42
N VAL B 98 12.26 8.96 -26.52
CA VAL B 98 11.90 9.62 -25.26
C VAL B 98 13.12 9.97 -24.40
N ARG B 99 14.28 9.35 -24.66
CA ARG B 99 15.49 9.72 -23.91
C ARG B 99 16.14 11.04 -24.35
N ASP B 100 15.73 11.51 -25.53
CA ASP B 100 16.40 12.62 -26.21
C ASP B 100 15.70 13.93 -25.82
N PHE B 101 16.21 14.57 -24.76
CA PHE B 101 15.54 15.72 -24.18
C PHE B 101 15.27 16.84 -25.22
N ASP B 102 16.29 17.26 -25.96
CA ASP B 102 16.06 18.34 -26.91
C ASP B 102 15.08 17.98 -28.01
N ALA B 103 15.14 16.75 -28.47
CA ALA B 103 14.22 16.32 -29.53
C ALA B 103 12.78 16.22 -29.01
N MET B 104 12.60 15.77 -27.77
CA MET B 104 11.29 15.77 -27.14
C MET B 104 10.73 17.20 -26.94
N GLN B 105 11.59 18.11 -26.48
CA GLN B 105 11.25 19.53 -26.33
CA GLN B 105 11.18 19.50 -26.31
C GLN B 105 10.72 20.07 -27.65
N ALA B 106 11.49 19.86 -28.72
CA ALA B 106 11.16 20.35 -30.06
C ALA B 106 9.81 19.79 -30.53
N ALA B 107 9.58 18.50 -30.27
CA ALA B 107 8.40 17.83 -30.83
C ALA B 107 7.17 18.39 -30.16
N VAL B 108 7.22 18.52 -28.84
CA VAL B 108 6.06 19.06 -28.18
C VAL B 108 5.87 20.55 -28.48
N ASP B 109 6.96 21.34 -28.48
CA ASP B 109 6.87 22.77 -28.91
C ASP B 109 6.21 22.92 -30.27
N ASP B 110 6.69 22.15 -31.25
CA ASP B 110 6.15 22.23 -32.58
C ASP B 110 4.68 21.79 -32.62
N GLY B 111 4.35 20.74 -31.86
CA GLY B 111 2.97 20.25 -31.89
C GLY B 111 2.03 21.31 -31.30
N VAL B 112 2.45 21.97 -30.22
CA VAL B 112 1.64 23.01 -29.60
C VAL B 112 1.52 24.23 -30.53
N THR B 113 2.60 24.54 -31.23
CA THR B 113 2.59 25.64 -32.24
C THR B 113 1.55 25.37 -33.32
N GLN B 114 1.53 24.14 -33.82
CA GLN B 114 0.63 23.81 -34.90
C GLN B 114 -0.80 23.66 -34.43
N LEU B 115 -0.99 23.14 -33.22
CA LEU B 115 -2.33 22.80 -32.75
C LEU B 115 -2.96 23.83 -31.81
N GLY B 116 -2.13 24.60 -31.12
CA GLY B 116 -2.59 25.76 -30.34
C GLY B 116 -2.59 25.63 -28.83
N ARG B 117 -2.51 24.41 -28.29
CA ARG B 117 -2.66 24.21 -26.84
C ARG B 117 -2.18 22.80 -26.51
N LEU B 118 -2.07 22.50 -25.20
CA LEU B 118 -1.80 21.14 -24.73
C LEU B 118 -2.54 20.95 -23.42
N ASP B 119 -3.23 19.82 -23.34
CA ASP B 119 -4.14 19.50 -22.24
C ASP B 119 -3.79 18.19 -21.55
N ILE B 120 -3.32 17.21 -22.33
CA ILE B 120 -3.22 15.80 -21.89
C ILE B 120 -1.87 15.27 -22.36
N VAL B 121 -1.17 14.57 -21.46
CA VAL B 121 0.10 13.88 -21.76
C VAL B 121 -0.05 12.43 -21.36
N LEU B 122 0.19 11.53 -22.30
CA LEU B 122 0.16 10.11 -22.00
C LEU B 122 1.58 9.61 -22.16
N ALA B 123 2.28 9.41 -21.04
CA ALA B 123 3.63 8.82 -21.05
C ALA B 123 3.54 7.30 -21.19
N ASN B 124 3.59 6.81 -22.42
CA ASN B 124 3.25 5.42 -22.70
C ASN B 124 4.40 4.56 -23.23
N ALA B 125 5.36 5.17 -23.94
CA ALA B 125 6.54 4.47 -24.47
C ALA B 125 7.34 3.75 -23.39
N ALA B 126 7.85 2.58 -23.75
CA ALA B 126 8.62 1.75 -22.83
C ALA B 126 9.20 0.58 -23.58
N LEU B 127 10.30 0.06 -23.01
CA LEU B 127 10.92 -1.23 -23.41
C LEU B 127 10.52 -2.36 -22.47
N ALA B 128 10.36 -3.57 -23.01
CA ALA B 128 10.07 -4.76 -22.21
C ALA B 128 11.40 -5.32 -21.73
N SER B 129 11.44 -5.98 -20.56
CA SER B 129 12.68 -6.66 -20.15
C SER B 129 12.85 -7.95 -20.94
N GLU B 130 14.09 -8.19 -21.36
CA GLU B 130 14.43 -9.43 -22.04
C GLU B 130 14.41 -10.60 -21.05
N GLY B 131 14.78 -10.37 -19.78
CA GLY B 131 14.74 -11.44 -18.80
C GLY B 131 16.15 -11.86 -18.43
N THR B 132 16.60 -11.43 -17.26
CA THR B 132 17.92 -11.73 -16.74
C THR B 132 17.82 -11.44 -15.26
N ARG B 133 18.28 -12.38 -14.45
CA ARG B 133 18.42 -12.21 -12.99
C ARG B 133 19.26 -10.98 -12.69
N LEU B 134 18.87 -10.26 -11.65
CA LEU B 134 19.55 -9.00 -11.29
C LEU B 134 21.00 -9.23 -10.87
N ASN B 135 21.30 -10.41 -10.34
CA ASN B 135 22.66 -10.73 -9.95
C ASN B 135 23.53 -11.15 -11.13
N ARG B 136 22.95 -11.28 -12.31
CA ARG B 136 23.71 -11.58 -13.55
C ARG B 136 23.66 -10.46 -14.60
N MET B 137 22.78 -9.48 -14.41
CA MET B 137 22.55 -8.44 -15.40
C MET B 137 23.77 -7.53 -15.65
N ASP B 138 23.96 -7.12 -16.89
CA ASP B 138 24.98 -6.13 -17.30
CA ASP B 138 25.00 -6.15 -17.23
C ASP B 138 24.52 -4.71 -16.94
N PRO B 139 25.46 -3.81 -16.57
CA PRO B 139 25.00 -2.46 -16.21
C PRO B 139 24.33 -1.67 -17.36
N LYS B 140 24.72 -1.92 -18.62
CA LYS B 140 24.02 -1.30 -19.75
C LYS B 140 22.58 -1.80 -19.84
N THR B 141 22.40 -3.11 -19.67
CA THR B 141 21.06 -3.68 -19.70
C THR B 141 20.16 -3.04 -18.63
N TRP B 142 20.72 -2.88 -17.44
CA TRP B 142 20.03 -2.20 -16.37
C TRP B 142 19.74 -0.73 -16.69
N ARG B 143 20.78 0.04 -17.01
CA ARG B 143 20.67 1.48 -17.21
C ARG B 143 19.79 1.89 -18.40
N ASP B 144 19.89 1.18 -19.52
CA ASP B 144 19.05 1.53 -20.70
C ASP B 144 17.58 1.42 -20.37
N MET B 145 17.25 0.43 -19.53
CA MET B 145 15.86 0.18 -19.15
C MET B 145 15.32 1.30 -18.28
N ILE B 146 16.11 1.71 -17.28
CA ILE B 146 15.79 2.88 -16.44
C ILE B 146 15.66 4.13 -17.31
N ASP B 147 16.59 4.28 -18.24
CA ASP B 147 16.63 5.51 -19.05
C ASP B 147 15.39 5.69 -19.90
N VAL B 148 14.95 4.62 -20.55
CA VAL B 148 13.74 4.70 -21.35
C VAL B 148 12.51 4.80 -20.48
N ASN B 149 12.37 3.85 -19.55
CA ASN B 149 11.10 3.66 -18.86
C ASN B 149 10.82 4.69 -17.75
N LEU B 150 11.86 5.17 -17.09
CA LEU B 150 11.71 6.06 -15.98
C LEU B 150 12.17 7.47 -16.40
N ASN B 151 13.43 7.63 -16.80
CA ASN B 151 13.94 8.96 -17.20
C ASN B 151 13.19 9.54 -18.40
N GLY B 152 12.86 8.68 -19.36
CA GLY B 152 12.08 9.11 -20.53
C GLY B 152 10.67 9.54 -20.17
N ALA B 153 10.12 8.93 -19.12
CA ALA B 153 8.77 9.28 -18.70
C ALA B 153 8.84 10.67 -18.05
N TRP B 154 9.89 10.89 -17.26
CA TRP B 154 10.09 12.21 -16.67
C TRP B 154 10.27 13.28 -17.75
N ILE B 155 11.15 13.03 -18.73
CA ILE B 155 11.33 13.90 -19.91
C ILE B 155 10.03 14.23 -20.63
N THR B 156 9.21 13.21 -20.88
CA THR B 156 7.90 13.37 -21.48
C THR B 156 7.04 14.42 -20.77
N ALA B 157 6.90 14.28 -19.44
CA ALA B 157 6.14 15.24 -18.63
C ALA B 157 6.80 16.63 -18.57
N ARG B 158 8.09 16.64 -18.29
CA ARG B 158 8.87 17.86 -18.20
C ARG B 158 8.79 18.78 -19.43
N VAL B 159 8.88 18.25 -20.65
CA VAL B 159 8.79 19.12 -21.83
C VAL B 159 7.34 19.63 -22.11
N ALA B 160 6.34 18.92 -21.59
CA ALA B 160 4.94 19.22 -21.87
C ALA B 160 4.34 20.20 -20.85
N ILE B 161 4.73 20.04 -19.60
CA ILE B 161 4.12 20.82 -18.51
C ILE B 161 4.08 22.33 -18.78
N PRO B 162 5.19 22.92 -19.29
CA PRO B 162 5.12 24.40 -19.51
C PRO B 162 3.95 24.85 -20.38
N HIS B 163 3.65 24.05 -21.42
CA HIS B 163 2.54 24.35 -22.35
C HIS B 163 1.19 24.11 -21.75
N ILE B 164 1.06 23.08 -20.87
CA ILE B 164 -0.16 22.92 -20.09
C ILE B 164 -0.35 24.09 -19.13
N MET B 165 0.70 24.41 -18.37
CA MET B 165 0.70 25.58 -17.47
C MET B 165 0.23 26.84 -18.19
N ALA B 166 0.77 27.10 -19.38
CA ALA B 166 0.50 28.36 -20.09
C ALA B 166 -0.93 28.43 -20.61
N GLY B 167 -1.57 27.27 -20.81
CA GLY B 167 -2.95 27.25 -21.28
C GLY B 167 -3.91 27.77 -20.24
N LYS B 168 -3.51 27.71 -18.95
CA LYS B 168 -4.33 28.18 -17.81
C LYS B 168 -5.70 27.51 -17.66
N ARG B 169 -5.84 26.28 -18.15
CA ARG B 169 -7.12 25.56 -18.02
C ARG B 169 -6.91 24.24 -17.32
N GLY B 170 -5.75 24.04 -16.70
CA GLY B 170 -5.43 22.76 -16.09
C GLY B 170 -5.14 21.71 -17.15
N GLY B 171 -5.09 20.46 -16.71
CA GLY B 171 -4.81 19.38 -17.63
C GLY B 171 -4.65 18.07 -16.89
N SER B 172 -4.25 17.03 -17.63
CA SER B 172 -4.04 15.71 -17.04
C SER B 172 -2.78 15.11 -17.62
N ILE B 173 -2.04 14.43 -16.77
CA ILE B 173 -0.87 13.68 -17.18
C ILE B 173 -1.09 12.26 -16.67
N VAL B 174 -0.94 11.27 -17.55
CA VAL B 174 -1.13 9.84 -17.16
C VAL B 174 0.13 9.06 -17.54
N PHE B 175 0.79 8.45 -16.56
CA PHE B 175 1.92 7.57 -16.83
C PHE B 175 1.39 6.16 -16.91
N THR B 176 1.88 5.41 -17.89
CA THR B 176 1.52 3.99 -17.93
C THR B 176 2.58 3.22 -17.14
N SER B 177 2.15 2.69 -16.00
CA SER B 177 3.03 1.84 -15.18
C SER B 177 2.76 0.40 -15.57
N SER B 178 2.41 -0.43 -14.59
CA SER B 178 2.35 -1.87 -14.78
C SER B 178 1.95 -2.42 -13.42
N ILE B 179 1.28 -3.56 -13.35
CA ILE B 179 1.20 -4.23 -12.03
C ILE B 179 2.63 -4.46 -11.49
N GLY B 180 3.63 -4.49 -12.38
CA GLY B 180 5.05 -4.51 -11.99
C GLY B 180 5.60 -3.19 -11.42
N GLY B 181 4.77 -2.16 -11.35
CA GLY B 181 5.11 -0.95 -10.59
C GLY B 181 4.68 -1.05 -9.13
N LEU B 182 3.90 -2.07 -8.83
CA LEU B 182 3.32 -2.26 -7.50
C LEU B 182 3.70 -3.59 -6.87
N ARG B 183 4.39 -4.44 -7.63
CA ARG B 183 4.93 -5.68 -7.08
C ARG B 183 6.07 -6.17 -7.94
N GLY B 184 6.90 -7.04 -7.36
CA GLY B 184 8.08 -7.53 -8.00
C GLY B 184 7.73 -8.72 -8.87
N ALA B 185 8.68 -9.10 -9.73
CA ALA B 185 8.61 -10.33 -10.55
C ALA B 185 10.03 -10.78 -10.89
N GLU B 186 10.29 -12.09 -10.86
CA GLU B 186 11.60 -12.60 -11.26
C GLU B 186 11.96 -12.23 -12.71
N ASN B 187 13.26 -12.12 -12.97
CA ASN B 187 13.82 -12.03 -14.33
C ASN B 187 13.66 -10.69 -15.05
N ILE B 188 12.82 -9.80 -14.52
CA ILE B 188 12.51 -8.54 -15.19
C ILE B 188 12.69 -7.35 -14.26
N GLY B 189 13.60 -7.49 -13.29
CA GLY B 189 13.79 -6.50 -12.22
C GLY B 189 14.19 -5.10 -12.67
N ASN B 190 14.88 -4.98 -13.82
CA ASN B 190 15.15 -3.63 -14.39
C ASN B 190 13.84 -2.96 -14.79
N TYR B 191 12.90 -3.74 -15.34
CA TYR B 191 11.57 -3.21 -15.71
C TYR B 191 10.78 -2.91 -14.45
N ILE B 192 10.77 -3.83 -13.50
CA ILE B 192 10.14 -3.61 -12.20
C ILE B 192 10.62 -2.31 -11.53
N ALA B 193 11.93 -2.14 -11.44
CA ALA B 193 12.44 -0.94 -10.75
C ALA B 193 11.98 0.32 -11.49
N SER B 194 12.04 0.28 -12.83
CA SER B 194 11.73 1.47 -13.59
C SER B 194 10.26 1.87 -13.42
N LYS B 195 9.39 0.86 -13.38
CA LYS B 195 7.97 1.08 -13.20
C LYS B 195 7.63 1.59 -11.77
N HIS B 196 8.26 0.99 -10.76
CA HIS B 196 8.14 1.50 -9.35
C HIS B 196 8.58 2.93 -9.24
N GLY B 197 9.68 3.30 -9.91
CA GLY B 197 10.14 4.71 -9.94
C GLY B 197 9.06 5.70 -10.44
N LEU B 198 8.25 5.28 -11.40
CA LEU B 198 7.14 6.15 -11.91
C LEU B 198 6.17 6.56 -10.83
N HIS B 199 5.98 5.68 -9.84
CA HIS B 199 5.03 6.00 -8.77
C HIS B 199 5.50 7.16 -7.96
N GLY B 200 6.79 7.29 -7.73
CA GLY B 200 7.30 8.44 -6.99
C GLY B 200 7.33 9.69 -7.89
N LEU B 201 7.66 9.53 -9.17
CA LEU B 201 7.60 10.66 -10.10
C LEU B 201 6.16 11.18 -10.15
N MET B 202 5.19 10.27 -10.20
CA MET B 202 3.79 10.65 -10.28
C MET B 202 3.36 11.41 -9.02
N ARG B 203 3.71 10.89 -7.84
CA ARG B 203 3.27 11.53 -6.59
C ARG B 203 3.87 12.93 -6.41
N THR B 204 5.17 13.07 -6.61
CA THR B 204 5.78 14.39 -6.62
C THR B 204 5.12 15.35 -7.60
N MET B 205 4.98 14.93 -8.85
CA MET B 205 4.38 15.80 -9.82
C MET B 205 2.90 16.14 -9.50
N ALA B 206 2.09 15.15 -9.07
CA ALA B 206 0.74 15.45 -8.54
C ALA B 206 0.73 16.55 -7.46
N LEU B 207 1.61 16.43 -6.47
CA LEU B 207 1.75 17.45 -5.43
C LEU B 207 2.17 18.81 -6.01
N GLU B 208 3.13 18.82 -6.94
CA GLU B 208 3.67 20.13 -7.42
C GLU B 208 2.70 20.86 -8.34
N LEU B 209 1.92 20.09 -9.10
CA LEU B 209 1.09 20.68 -10.15
C LEU B 209 -0.37 20.78 -9.79
N GLY B 210 -0.77 20.07 -8.73
CA GLY B 210 -2.16 20.09 -8.25
C GLY B 210 -2.74 21.50 -8.04
N PRO B 211 -1.96 22.39 -7.40
CA PRO B 211 -2.50 23.73 -7.21
C PRO B 211 -2.82 24.51 -8.50
N ARG B 212 -2.25 24.11 -9.65
CA ARG B 212 -2.60 24.71 -10.95
C ARG B 212 -3.60 23.83 -11.74
N ASN B 213 -4.30 22.93 -11.04
CA ASN B 213 -5.36 22.08 -11.63
CA ASN B 213 -5.36 22.09 -11.63
C ASN B 213 -4.84 21.12 -12.70
N ILE B 214 -3.59 20.69 -12.57
CA ILE B 214 -3.06 19.69 -13.44
C ILE B 214 -3.06 18.36 -12.66
N ARG B 215 -3.88 17.41 -13.09
CA ARG B 215 -3.98 16.17 -12.38
CA ARG B 215 -4.03 16.10 -12.42
C ARG B 215 -2.96 15.18 -12.96
N VAL B 216 -2.40 14.32 -12.10
CA VAL B 216 -1.30 13.43 -12.50
C VAL B 216 -1.60 12.06 -11.91
N ASN B 217 -1.74 11.04 -12.79
CA ASN B 217 -2.16 9.73 -12.35
C ASN B 217 -1.41 8.65 -13.07
N ILE B 218 -1.61 7.43 -12.59
CA ILE B 218 -0.98 6.28 -13.19
C ILE B 218 -2.03 5.26 -13.56
N VAL B 219 -1.86 4.57 -14.68
CA VAL B 219 -2.62 3.32 -14.89
C VAL B 219 -1.64 2.11 -14.86
N CYS B 220 -2.08 1.00 -14.27
CA CYS B 220 -1.23 -0.19 -14.08
C CYS B 220 -1.88 -1.37 -14.77
N PRO B 221 -1.59 -1.57 -16.06
CA PRO B 221 -2.13 -2.79 -16.72
C PRO B 221 -1.45 -4.07 -16.21
N SER B 222 -2.17 -5.20 -16.26
CA SER B 222 -1.51 -6.47 -16.00
C SER B 222 -0.72 -6.97 -17.23
N SER B 223 -1.43 -7.53 -18.20
CA SER B 223 -0.87 -7.97 -19.49
C SER B 223 -1.87 -7.47 -20.51
N VAL B 224 -1.36 -6.97 -21.65
CA VAL B 224 -2.19 -6.32 -22.68
C VAL B 224 -1.86 -6.93 -24.04
N ALA B 225 -2.89 -7.25 -24.82
CA ALA B 225 -2.71 -7.89 -26.12
C ALA B 225 -2.10 -6.89 -27.11
N THR B 226 -0.77 -6.80 -27.10
CA THR B 226 0.04 -5.98 -28.03
C THR B 226 1.27 -6.84 -28.38
N PRO B 227 2.08 -6.42 -29.38
CA PRO B 227 3.31 -7.16 -29.73
C PRO B 227 4.32 -7.29 -28.59
N MET B 228 4.29 -6.37 -27.62
CA MET B 228 5.12 -6.50 -26.41
C MET B 228 4.80 -7.77 -25.57
N LEU B 229 3.59 -8.27 -25.67
CA LEU B 229 3.18 -9.44 -24.88
C LEU B 229 3.08 -10.69 -25.74
N LEU B 230 2.54 -10.55 -26.95
CA LEU B 230 2.19 -11.71 -27.75
C LEU B 230 3.34 -12.06 -28.69
N ASN B 231 4.36 -12.68 -28.13
CA ASN B 231 5.54 -13.11 -28.89
C ASN B 231 6.14 -14.36 -28.22
N GLU B 232 6.90 -15.15 -28.98
CA GLU B 232 7.44 -16.41 -28.46
C GLU B 232 8.33 -16.25 -27.25
N PRO B 233 9.23 -15.26 -27.26
CA PRO B 233 10.01 -15.13 -26.01
C PRO B 233 9.15 -14.95 -24.75
N THR B 234 8.02 -14.24 -24.86
CA THR B 234 7.12 -14.08 -23.70
C THR B 234 6.45 -15.38 -23.35
N TYR B 235 6.01 -16.14 -24.36
CA TYR B 235 5.37 -17.44 -24.08
C TYR B 235 6.34 -18.36 -23.29
N ARG B 236 7.60 -18.37 -23.70
CA ARG B 236 8.66 -19.12 -23.02
C ARG B 236 8.84 -18.70 -21.58
N MET B 237 8.81 -17.39 -21.31
CA MET B 237 8.91 -16.88 -19.94
C MET B 237 7.71 -17.30 -19.08
N PHE B 238 6.52 -17.32 -19.67
CA PHE B 238 5.33 -17.82 -18.96
C PHE B 238 5.28 -19.35 -18.85
N ARG B 239 5.87 -20.05 -19.84
CA ARG B 239 5.84 -21.51 -19.84
C ARG B 239 7.25 -22.09 -19.92
N PRO B 240 8.08 -21.82 -18.88
CA PRO B 240 9.47 -22.31 -18.92
C PRO B 240 9.53 -23.86 -18.82
N ASP B 241 8.40 -24.48 -18.56
CA ASP B 241 8.33 -25.94 -18.43
C ASP B 241 8.24 -26.63 -19.82
N LEU B 242 7.91 -25.86 -20.87
CA LEU B 242 7.64 -26.46 -22.19
C LEU B 242 8.69 -26.05 -23.19
N GLU B 243 8.89 -26.88 -24.22
CA GLU B 243 9.90 -26.63 -25.27
C GLU B 243 9.59 -25.48 -26.21
N ASN B 244 8.44 -25.55 -26.90
CA ASN B 244 8.06 -24.50 -27.83
C ASN B 244 6.65 -24.02 -27.54
N PRO B 245 6.46 -23.34 -26.38
CA PRO B 245 5.08 -23.02 -25.97
C PRO B 245 4.32 -22.17 -27.01
N THR B 246 3.07 -22.51 -27.30
CA THR B 246 2.20 -21.71 -28.17
C THR B 246 1.46 -20.58 -27.37
N VAL B 247 0.78 -19.67 -28.08
CA VAL B 247 -0.05 -18.65 -27.43
C VAL B 247 -1.12 -19.28 -26.52
N GLU B 248 -1.63 -20.44 -26.91
CA GLU B 248 -2.54 -21.20 -26.07
C GLU B 248 -1.92 -21.65 -24.75
N ASP B 249 -0.73 -22.24 -24.82
CA ASP B 249 0.01 -22.62 -23.59
C ASP B 249 0.21 -21.41 -22.69
N PHE B 250 0.59 -20.29 -23.32
CA PHE B 250 0.77 -19.04 -22.62
C PHE B 250 -0.55 -18.61 -21.95
N GLN B 251 -1.64 -18.68 -22.71
CA GLN B 251 -2.94 -18.23 -22.15
C GLN B 251 -3.39 -19.01 -20.91
N VAL B 252 -3.09 -20.30 -20.85
CA VAL B 252 -3.34 -21.11 -19.65
C VAL B 252 -2.62 -20.52 -18.42
N ALA B 253 -1.31 -20.27 -18.56
CA ALA B 253 -0.49 -19.71 -17.49
C ALA B 253 -1.03 -18.36 -17.12
N SER B 254 -1.30 -17.55 -18.16
CA SER B 254 -1.71 -16.16 -17.97
C SER B 254 -3.07 -16.01 -17.26
N ARG B 255 -4.02 -16.88 -17.61
CA ARG B 255 -5.33 -16.90 -17.00
C ARG B 255 -5.21 -17.21 -15.52
N GLN B 256 -4.22 -18.01 -15.15
CA GLN B 256 -4.05 -18.37 -13.76
C GLN B 256 -3.59 -17.20 -12.93
N MET B 257 -2.93 -16.24 -13.57
CA MET B 257 -2.50 -15.01 -12.87
C MET B 257 -3.65 -14.03 -12.61
N HIS B 258 -4.71 -14.16 -13.39
CA HIS B 258 -5.83 -13.24 -13.28
C HIS B 258 -6.90 -13.77 -12.42
N VAL B 259 -7.74 -12.87 -11.90
CA VAL B 259 -8.86 -13.28 -11.08
C VAL B 259 -10.16 -13.37 -11.90
N LEU B 260 -10.39 -12.38 -12.74
CA LEU B 260 -11.39 -12.52 -13.77
C LEU B 260 -10.88 -13.54 -14.80
N PRO B 261 -11.80 -14.27 -15.48
CA PRO B 261 -11.35 -15.39 -16.33
C PRO B 261 -10.85 -14.90 -17.72
N ILE B 262 -9.70 -14.22 -17.71
CA ILE B 262 -9.15 -13.62 -18.94
C ILE B 262 -7.65 -13.85 -18.90
N PRO B 263 -6.97 -13.94 -20.08
CA PRO B 263 -5.52 -14.13 -20.08
C PRO B 263 -4.78 -12.80 -20.12
N TYR B 264 -5.51 -11.72 -20.42
CA TYR B 264 -4.96 -10.38 -20.55
C TYR B 264 -6.05 -9.41 -20.90
N VAL B 265 -5.75 -8.12 -20.81
CA VAL B 265 -6.76 -7.10 -21.18
C VAL B 265 -6.47 -6.61 -22.62
N GLU B 266 -7.39 -5.88 -23.22
CA GLU B 266 -7.14 -5.35 -24.57
C GLU B 266 -6.55 -3.94 -24.52
N PRO B 267 -5.82 -3.52 -25.57
CA PRO B 267 -5.43 -2.11 -25.53
C PRO B 267 -6.62 -1.18 -25.24
N ALA B 268 -7.77 -1.48 -25.84
CA ALA B 268 -8.94 -0.64 -25.60
C ALA B 268 -9.27 -0.51 -24.10
N ASP B 269 -9.04 -1.56 -23.31
CA ASP B 269 -9.35 -1.43 -21.84
C ASP B 269 -8.51 -0.35 -21.13
N ILE B 270 -7.26 -0.27 -21.53
CA ILE B 270 -6.35 0.79 -21.03
C ILE B 270 -6.78 2.15 -21.56
N SER B 271 -7.06 2.24 -22.86
CA SER B 271 -7.52 3.53 -23.42
C SER B 271 -8.81 4.01 -22.73
N ASN B 272 -9.69 3.09 -22.38
CA ASN B 272 -10.96 3.49 -21.75
C ASN B 272 -10.74 4.01 -20.34
N ALA B 273 -9.79 3.41 -19.61
CA ALA B 273 -9.46 3.84 -18.27
C ALA B 273 -8.82 5.25 -18.36
N ILE B 274 -7.93 5.41 -19.33
CA ILE B 274 -7.30 6.72 -19.60
C ILE B 274 -8.35 7.81 -19.97
N LEU B 275 -9.31 7.44 -20.80
CA LEU B 275 -10.35 8.38 -21.23
C LEU B 275 -11.11 8.88 -20.02
N PHE B 276 -11.47 7.95 -19.14
CA PHE B 276 -12.15 8.34 -17.91
C PHE B 276 -11.29 9.34 -17.15
N LEU B 277 -10.05 8.98 -16.88
CA LEU B 277 -9.14 9.83 -16.09
C LEU B 277 -8.94 11.23 -16.68
N VAL B 278 -8.94 11.35 -18.00
CA VAL B 278 -8.78 12.69 -18.60
C VAL B 278 -10.09 13.46 -18.85
N SER B 279 -11.22 12.83 -18.62
CA SER B 279 -12.51 13.44 -18.85
C SER B 279 -12.90 14.29 -17.63
N ASP B 280 -13.93 15.10 -17.79
CA ASP B 280 -14.53 15.87 -16.69
C ASP B 280 -15.10 14.96 -15.61
N ASP B 281 -15.43 13.71 -15.95
CA ASP B 281 -15.96 12.77 -14.93
C ASP B 281 -14.93 12.38 -13.88
N ALA B 282 -13.65 12.66 -14.14
CA ALA B 282 -12.55 12.38 -13.21
C ALA B 282 -11.83 13.68 -12.83
N ARG B 283 -12.54 14.81 -12.87
CA ARG B 283 -11.95 16.15 -12.65
C ARG B 283 -11.18 16.28 -11.31
N TYR B 284 -11.58 15.54 -10.30
CA TYR B 284 -10.89 15.68 -8.99
C TYR B 284 -10.06 14.47 -8.61
N ILE B 285 -9.75 13.62 -9.57
CA ILE B 285 -8.93 12.44 -9.30
C ILE B 285 -7.47 12.78 -9.62
N THR B 286 -6.61 12.74 -8.60
CA THR B 286 -5.20 12.94 -8.87
C THR B 286 -4.34 12.15 -7.88
N GLY B 287 -3.14 11.78 -8.32
CA GLY B 287 -2.21 11.05 -7.45
C GLY B 287 -2.59 9.59 -7.28
N VAL B 288 -3.43 9.03 -8.15
CA VAL B 288 -3.84 7.63 -7.98
C VAL B 288 -3.12 6.69 -8.95
N SER B 289 -3.00 5.45 -8.52
CA SER B 289 -2.54 4.39 -9.40
C SER B 289 -3.77 3.50 -9.63
N LEU B 290 -4.22 3.40 -10.88
CA LEU B 290 -5.41 2.62 -11.22
C LEU B 290 -5.04 1.31 -11.92
N PRO B 291 -5.10 0.15 -11.21
CA PRO B 291 -4.90 -1.13 -11.89
C PRO B 291 -6.02 -1.43 -12.86
N VAL B 292 -5.66 -1.93 -14.04
CA VAL B 292 -6.62 -2.48 -15.03
C VAL B 292 -6.01 -3.83 -15.32
N ASP B 293 -6.35 -4.81 -14.49
CA ASP B 293 -5.46 -5.94 -14.34
C ASP B 293 -6.23 -7.22 -14.09
N GLY B 294 -7.56 -7.15 -14.21
CA GLY B 294 -8.43 -8.32 -14.06
C GLY B 294 -8.25 -8.98 -12.70
N GLY B 295 -7.84 -8.18 -11.70
CA GLY B 295 -7.65 -8.66 -10.33
C GLY B 295 -6.30 -9.28 -10.04
N ALA B 296 -5.38 -9.21 -10.99
CA ALA B 296 -4.08 -9.89 -10.82
C ALA B 296 -3.39 -9.49 -9.52
N LEU B 297 -3.54 -8.23 -9.10
CA LEU B 297 -2.86 -7.78 -7.87
C LEU B 297 -3.41 -8.39 -6.61
N LEU B 298 -4.58 -9.04 -6.67
CA LEU B 298 -5.23 -9.57 -5.47
C LEU B 298 -4.58 -10.85 -4.98
N LYS B 299 -3.77 -11.47 -5.83
CA LYS B 299 -3.08 -12.69 -5.42
C LYS B 299 -1.60 -12.76 -5.80
N MET C 22 -29.00 6.88 -27.69
CA MET C 22 -28.08 5.85 -27.15
C MET C 22 -28.79 4.97 -26.13
N ALA C 23 -28.30 3.75 -25.94
CA ALA C 23 -28.58 3.03 -24.72
C ALA C 23 -27.68 3.78 -23.70
N GLY C 24 -28.10 3.87 -22.45
CA GLY C 24 -27.19 4.36 -21.43
C GLY C 24 -26.12 3.34 -21.07
N LYS C 25 -25.12 3.78 -20.33
CA LYS C 25 -24.01 2.92 -19.89
C LYS C 25 -24.45 1.76 -18.99
N VAL C 26 -25.62 1.86 -18.36
CA VAL C 26 -26.15 0.74 -17.53
C VAL C 26 -27.59 0.36 -17.97
N GLU C 27 -27.83 0.54 -19.26
CA GLU C 27 -29.15 0.29 -19.85
C GLU C 27 -29.70 -1.08 -19.50
N GLY C 28 -30.91 -1.12 -18.96
CA GLY C 28 -31.58 -2.38 -18.65
C GLY C 28 -31.09 -3.05 -17.36
N LYS C 29 -30.06 -2.49 -16.71
CA LYS C 29 -29.52 -3.10 -15.50
C LYS C 29 -30.30 -2.65 -14.23
N VAL C 30 -30.08 -3.34 -13.11
CA VAL C 30 -30.78 -3.03 -11.88
C VAL C 30 -29.71 -2.85 -10.82
N ALA C 31 -29.82 -1.78 -10.02
CA ALA C 31 -28.85 -1.50 -8.99
C ALA C 31 -29.52 -1.44 -7.65
N PHE C 32 -28.91 -2.12 -6.67
CA PHE C 32 -29.33 -2.10 -5.28
C PHE C 32 -28.43 -1.08 -4.53
N ILE C 33 -29.04 -0.04 -3.95
CA ILE C 33 -28.27 1.06 -3.34
C ILE C 33 -28.72 1.32 -1.90
N THR C 34 -27.80 1.23 -0.95
CA THR C 34 -28.15 1.54 0.44
C THR C 34 -27.89 2.98 0.76
N GLY C 35 -28.64 3.53 1.72
CA GLY C 35 -28.42 4.94 2.08
C GLY C 35 -28.84 5.86 0.93
N ALA C 36 -29.91 5.44 0.25
CA ALA C 36 -30.40 6.12 -0.95
C ALA C 36 -31.26 7.37 -0.73
N ALA C 37 -31.54 7.72 0.53
CA ALA C 37 -32.48 8.82 0.79
C ALA C 37 -31.89 10.20 0.52
N ARG C 38 -30.57 10.31 0.48
CA ARG C 38 -30.00 11.65 0.34
C ARG C 38 -28.54 11.55 -0.02
N GLY C 39 -27.89 12.70 -0.25
CA GLY C 39 -26.45 12.71 -0.33
C GLY C 39 -25.90 11.84 -1.46
N GLN C 40 -24.84 11.10 -1.20
CA GLN C 40 -24.23 10.30 -2.27
C GLN C 40 -25.15 9.22 -2.81
N GLY C 41 -25.86 8.52 -1.91
CA GLY C 41 -26.72 7.39 -2.32
C GLY C 41 -27.79 7.90 -3.28
N ARG C 42 -28.35 9.05 -2.96
CA ARG C 42 -29.32 9.67 -3.87
C ARG C 42 -28.69 10.02 -5.23
N SER C 43 -27.50 10.60 -5.20
CA SER C 43 -26.77 10.93 -6.42
C SER C 43 -26.47 9.68 -7.27
N HIS C 44 -26.04 8.57 -6.63
CA HIS C 44 -25.88 7.29 -7.37
C HIS C 44 -27.13 6.83 -8.05
N ALA C 45 -28.26 6.90 -7.34
CA ALA C 45 -29.53 6.39 -7.85
C ALA C 45 -29.94 7.17 -9.10
N ILE C 46 -29.88 8.51 -9.03
CA ILE C 46 -30.26 9.35 -10.20
C ILE C 46 -29.26 9.21 -11.35
N THR C 47 -27.98 9.06 -11.03
CA THR C 47 -26.96 8.93 -12.08
C THR C 47 -27.14 7.60 -12.82
N LEU C 48 -27.35 6.52 -12.08
CA LEU C 48 -27.56 5.22 -12.73
C LEU C 48 -28.86 5.15 -13.50
N ALA C 49 -29.92 5.71 -12.90
CA ALA C 49 -31.21 5.93 -13.57
C ALA C 49 -31.05 6.70 -14.90
N ARG C 50 -30.34 7.82 -14.88
CA ARG C 50 -30.15 8.60 -16.10
CA ARG C 50 -30.11 8.61 -16.09
C ARG C 50 -29.48 7.73 -17.17
N GLU C 51 -28.67 6.75 -16.74
CA GLU C 51 -27.93 5.90 -17.66
C GLU C 51 -28.60 4.57 -17.93
N GLY C 52 -29.87 4.47 -17.56
CA GLY C 52 -30.71 3.36 -17.97
C GLY C 52 -31.03 2.28 -16.95
N ALA C 53 -30.62 2.47 -15.69
CA ALA C 53 -30.84 1.42 -14.70
C ALA C 53 -32.10 1.64 -13.89
N ASP C 54 -32.75 0.54 -13.49
CA ASP C 54 -33.79 0.61 -12.44
C ASP C 54 -33.14 0.40 -11.07
N ILE C 55 -33.85 0.82 -10.00
CA ILE C 55 -33.21 0.92 -8.69
C ILE C 55 -33.98 0.23 -7.59
N ILE C 56 -33.24 -0.54 -6.78
CA ILE C 56 -33.74 -0.97 -5.48
C ILE C 56 -33.05 -0.07 -4.46
N ALA C 57 -33.82 0.77 -3.77
CA ALA C 57 -33.23 1.74 -2.83
C ALA C 57 -33.69 1.47 -1.39
N ILE C 58 -32.76 1.42 -0.45
CA ILE C 58 -33.11 1.46 0.96
C ILE C 58 -32.40 2.56 1.73
N ASP C 59 -33.02 2.97 2.83
CA ASP C 59 -32.41 3.88 3.77
C ASP C 59 -33.16 3.67 5.08
N VAL C 60 -32.48 3.88 6.21
CA VAL C 60 -33.10 3.57 7.48
C VAL C 60 -34.21 4.60 7.82
N CYS C 61 -34.04 5.85 7.36
CA CYS C 61 -35.06 6.91 7.47
C CYS C 61 -35.56 7.15 8.90
N LYS C 62 -34.66 7.04 9.86
CA LYS C 62 -34.94 7.13 11.28
C LYS C 62 -33.72 7.77 11.90
N GLN C 63 -33.93 8.48 13.00
CA GLN C 63 -32.79 8.93 13.79
C GLN C 63 -32.32 7.75 14.61
N LEU C 64 -31.09 7.32 14.39
CA LEU C 64 -30.50 6.26 15.21
C LEU C 64 -29.94 6.77 16.54
N ASP C 65 -30.07 5.96 17.59
CA ASP C 65 -29.66 6.37 18.93
C ASP C 65 -28.21 6.76 18.91
N GLY C 66 -27.87 7.79 19.69
CA GLY C 66 -26.49 8.28 19.76
C GLY C 66 -26.00 9.08 18.57
N VAL C 67 -26.82 9.26 17.55
CA VAL C 67 -26.48 10.12 16.40
C VAL C 67 -27.12 11.49 16.62
N LYS C 68 -26.28 12.52 16.56
CA LYS C 68 -26.61 13.90 16.93
C LYS C 68 -27.22 14.74 15.80
N LEU C 69 -26.66 14.62 14.60
CA LEU C 69 -27.14 15.42 13.45
C LEU C 69 -28.34 14.75 12.77
N PRO C 70 -29.24 15.54 12.16
CA PRO C 70 -30.48 14.93 11.68
C PRO C 70 -30.17 13.94 10.58
N MET C 71 -30.74 12.74 10.67
CA MET C 71 -30.55 11.74 9.61
C MET C 71 -31.69 11.85 8.61
N SER C 72 -31.60 11.12 7.51
CA SER C 72 -32.66 11.10 6.49
C SER C 72 -34.04 10.77 7.03
N THR C 73 -35.05 11.31 6.36
CA THR C 73 -36.44 11.07 6.72
C THR C 73 -37.10 10.26 5.61
N PRO C 74 -38.30 9.69 5.88
CA PRO C 74 -39.11 9.07 4.82
C PRO C 74 -39.32 10.00 3.60
N ASP C 75 -39.50 11.28 3.86
CA ASP C 75 -39.71 12.29 2.82
C ASP C 75 -38.48 12.46 1.92
N ASP C 76 -37.28 12.39 2.49
CA ASP C 76 -36.02 12.36 1.69
C ASP C 76 -36.00 11.20 0.71
N LEU C 77 -36.40 10.01 1.19
CA LEU C 77 -36.43 8.80 0.37
C LEU C 77 -37.47 8.95 -0.75
N ALA C 78 -38.64 9.51 -0.43
CA ALA C 78 -39.65 9.80 -1.44
C ALA C 78 -39.14 10.79 -2.45
N GLU C 79 -38.25 11.71 -2.04
CA GLU C 79 -37.67 12.65 -2.99
C GLU C 79 -36.69 11.97 -3.95
N THR C 80 -35.94 11.00 -3.45
CA THR C 80 -35.10 10.21 -4.34
C THR C 80 -35.96 9.46 -5.35
N VAL C 81 -37.03 8.86 -4.85
CA VAL C 81 -38.00 8.20 -5.70
C VAL C 81 -38.53 9.14 -6.79
N ARG C 82 -38.92 10.35 -6.40
CA ARG C 82 -39.44 11.32 -7.37
C ARG C 82 -38.44 11.58 -8.48
N GLN C 83 -37.18 11.79 -8.10
CA GLN C 83 -36.16 12.09 -9.10
C GLN C 83 -35.90 10.92 -10.06
N VAL C 84 -35.89 9.68 -9.54
CA VAL C 84 -35.63 8.51 -10.38
C VAL C 84 -36.82 8.29 -11.35
N GLU C 85 -38.04 8.38 -10.81
CA GLU C 85 -39.22 8.26 -11.66
C GLU C 85 -39.35 9.39 -12.72
N ALA C 86 -38.90 10.60 -12.41
CA ALA C 86 -38.85 11.70 -13.39
C ALA C 86 -37.89 11.38 -14.54
N LEU C 87 -36.91 10.54 -14.29
CA LEU C 87 -36.00 10.11 -15.37
C LEU C 87 -36.57 8.93 -16.14
N GLY C 88 -37.80 8.56 -15.81
CA GLY C 88 -38.50 7.48 -16.52
C GLY C 88 -38.11 6.06 -16.11
N ARG C 89 -37.45 5.88 -14.97
CA ARG C 89 -37.05 4.53 -14.55
C ARG C 89 -37.93 4.03 -13.41
N ARG C 90 -37.83 2.75 -13.11
CA ARG C 90 -38.53 2.16 -11.95
C ARG C 90 -37.62 2.18 -10.75
N ILE C 91 -38.22 2.41 -9.58
CA ILE C 91 -37.50 2.34 -8.32
C ILE C 91 -38.38 1.67 -7.27
N ILE C 92 -37.83 0.71 -6.51
CA ILE C 92 -38.57 0.12 -5.39
C ILE C 92 -37.82 0.60 -4.16
N ALA C 93 -38.44 1.46 -3.35
CA ALA C 93 -37.74 2.05 -2.22
C ALA C 93 -38.35 1.61 -0.89
N SER C 94 -37.52 1.37 0.13
CA SER C 94 -38.09 1.06 1.44
C SER C 94 -37.19 1.42 2.61
N GLN C 95 -37.78 1.37 3.80
CA GLN C 95 -37.10 1.79 5.01
C GLN C 95 -36.54 0.56 5.69
N VAL C 96 -35.22 0.38 5.57
CA VAL C 96 -34.54 -0.79 6.09
C VAL C 96 -33.22 -0.32 6.73
N ASP C 97 -32.85 -0.93 7.86
CA ASP C 97 -31.52 -0.71 8.46
C ASP C 97 -30.60 -1.79 7.90
N VAL C 98 -29.43 -1.39 7.38
CA VAL C 98 -28.46 -2.37 6.81
C VAL C 98 -27.99 -3.44 7.80
N ARG C 99 -28.12 -3.16 9.10
CA ARG C 99 -27.75 -4.10 10.13
C ARG C 99 -28.76 -5.24 10.27
N ASP C 100 -29.96 -5.03 9.73
CA ASP C 100 -31.11 -5.96 9.88
C ASP C 100 -31.09 -7.00 8.75
N PHE C 101 -30.49 -8.15 9.02
CA PHE C 101 -30.27 -9.12 7.97
C PHE C 101 -31.57 -9.58 7.27
N ASP C 102 -32.55 -10.01 8.05
CA ASP C 102 -33.84 -10.46 7.45
C ASP C 102 -34.54 -9.38 6.64
N ALA C 103 -34.60 -8.16 7.17
CA ALA C 103 -35.23 -7.06 6.46
C ALA C 103 -34.49 -6.71 5.16
N MET C 104 -33.17 -6.73 5.23
CA MET C 104 -32.30 -6.52 4.06
C MET C 104 -32.50 -7.62 3.00
N GLN C 105 -32.62 -8.86 3.45
CA GLN C 105 -32.90 -9.95 2.52
C GLN C 105 -34.28 -9.80 1.86
N ALA C 106 -35.27 -9.46 2.67
CA ALA C 106 -36.65 -9.27 2.16
C ALA C 106 -36.71 -8.11 1.15
N ALA C 107 -35.97 -7.01 1.40
CA ALA C 107 -35.94 -5.87 0.48
C ALA C 107 -35.37 -6.23 -0.87
N VAL C 108 -34.21 -6.89 -0.87
CA VAL C 108 -33.60 -7.22 -2.12
CA VAL C 108 -33.57 -7.26 -2.11
C VAL C 108 -34.40 -8.32 -2.84
N ASP C 109 -34.91 -9.30 -2.10
CA ASP C 109 -35.74 -10.36 -2.74
C ASP C 109 -36.99 -9.75 -3.43
N ASP C 110 -37.64 -8.84 -2.72
CA ASP C 110 -38.84 -8.20 -3.21
C ASP C 110 -38.51 -7.30 -4.43
N GLY C 111 -37.38 -6.59 -4.38
CA GLY C 111 -36.96 -5.69 -5.45
C GLY C 111 -36.65 -6.44 -6.73
N VAL C 112 -35.95 -7.57 -6.58
CA VAL C 112 -35.65 -8.42 -7.73
C VAL C 112 -36.94 -9.07 -8.29
N THR C 113 -37.82 -9.57 -7.42
CA THR C 113 -39.11 -10.05 -7.91
C THR C 113 -39.78 -8.98 -8.81
N GLN C 114 -39.78 -7.73 -8.36
CA GLN C 114 -40.45 -6.66 -9.09
C GLN C 114 -39.70 -6.14 -10.31
N LEU C 115 -38.37 -6.08 -10.24
CA LEU C 115 -37.60 -5.53 -11.36
C LEU C 115 -36.92 -6.56 -12.29
N GLY C 116 -36.91 -7.84 -11.88
CA GLY C 116 -36.50 -8.94 -12.78
C GLY C 116 -35.05 -9.44 -12.73
N ARG C 117 -34.15 -8.74 -12.05
CA ARG C 117 -32.74 -9.10 -12.08
C ARG C 117 -32.00 -8.21 -11.08
N LEU C 118 -30.69 -8.46 -10.91
CA LEU C 118 -29.81 -7.62 -10.09
C LEU C 118 -28.38 -7.69 -10.65
N ASP C 119 -27.79 -6.53 -10.92
CA ASP C 119 -26.47 -6.45 -11.58
C ASP C 119 -25.43 -5.68 -10.77
N ILE C 120 -25.91 -4.74 -9.96
CA ILE C 120 -25.04 -3.75 -9.33
C ILE C 120 -25.46 -3.55 -7.89
N VAL C 121 -24.46 -3.53 -7.00
CA VAL C 121 -24.65 -3.18 -5.59
C VAL C 121 -23.73 -2.03 -5.19
N LEU C 122 -24.33 -0.98 -4.61
CA LEU C 122 -23.57 0.13 -4.06
C LEU C 122 -23.86 0.17 -2.57
N ALA C 123 -22.92 -0.34 -1.80
CA ALA C 123 -22.99 -0.25 -0.34
C ALA C 123 -22.46 1.10 0.13
N ASN C 124 -23.40 2.01 0.38
CA ASN C 124 -23.11 3.41 0.56
C ASN C 124 -23.52 3.92 1.97
N ALA C 125 -24.50 3.26 2.58
CA ALA C 125 -25.00 3.69 3.90
C ALA C 125 -23.86 3.67 4.91
N ALA C 126 -23.84 4.64 5.83
CA ALA C 126 -22.85 4.67 6.88
C ALA C 126 -23.22 5.75 7.89
N LEU C 127 -22.65 5.61 9.10
CA LEU C 127 -22.71 6.64 10.14
C LEU C 127 -21.37 7.35 10.19
N ALA C 128 -21.40 8.65 10.50
CA ALA C 128 -20.14 9.39 10.69
C ALA C 128 -19.83 9.37 12.17
N SER C 129 -18.55 9.30 12.52
CA SER C 129 -18.16 9.27 13.93
C SER C 129 -18.53 10.58 14.63
N GLU C 130 -18.97 10.46 15.87
CA GLU C 130 -19.27 11.63 16.70
C GLU C 130 -17.95 12.33 17.05
N GLY C 131 -16.95 11.55 17.43
CA GLY C 131 -15.63 12.11 17.72
C GLY C 131 -15.29 11.92 19.17
N THR C 132 -14.53 10.88 19.44
CA THR C 132 -14.08 10.52 20.79
C THR C 132 -12.74 9.82 20.62
N ARG C 133 -11.79 10.11 21.51
CA ARG C 133 -10.52 9.39 21.56
C ARG C 133 -10.79 7.90 21.82
N LEU C 134 -10.01 7.02 21.16
CA LEU C 134 -10.20 5.59 21.27
C LEU C 134 -9.94 5.06 22.67
N ASN C 135 -9.16 5.78 23.48
CA ASN C 135 -8.93 5.37 24.88
C ASN C 135 -10.04 5.83 25.87
N ARG C 136 -10.99 6.61 25.34
CA ARG C 136 -12.13 7.13 26.13
C ARG C 136 -13.49 6.64 25.61
N MET C 137 -13.50 6.04 24.43
CA MET C 137 -14.75 5.66 23.77
C MET C 137 -15.43 4.53 24.52
N ASP C 138 -16.75 4.56 24.60
CA ASP C 138 -17.43 3.44 25.24
C ASP C 138 -17.73 2.34 24.22
N PRO C 139 -17.96 1.09 24.69
CA PRO C 139 -18.07 -0.03 23.75
C PRO C 139 -19.26 0.04 22.80
N LYS C 140 -20.38 0.64 23.20
CA LYS C 140 -21.53 0.72 22.31
C LYS C 140 -21.22 1.65 21.15
N THR C 141 -20.51 2.74 21.44
CA THR C 141 -20.11 3.74 20.43
C THR C 141 -19.18 3.11 19.37
N TRP C 142 -18.25 2.30 19.84
CA TRP C 142 -17.39 1.55 18.93
C TRP C 142 -18.22 0.53 18.15
N ARG C 143 -18.97 -0.33 18.84
CA ARG C 143 -19.66 -1.45 18.19
C ARG C 143 -20.71 -1.02 17.17
N ASP C 144 -21.50 0.01 17.50
CA ASP C 144 -22.57 0.45 16.60
C ASP C 144 -22.02 0.97 15.29
N MET C 145 -20.86 1.64 15.34
CA MET C 145 -20.19 2.15 14.15
C MET C 145 -19.67 0.99 13.24
N ILE C 146 -19.02 -0.01 13.84
CA ILE C 146 -18.60 -1.21 13.10
C ILE C 146 -19.82 -1.95 12.54
N ASP C 147 -20.90 -2.02 13.32
CA ASP C 147 -22.06 -2.77 12.91
C ASP C 147 -22.72 -2.11 11.67
N VAL C 148 -22.87 -0.78 11.67
CA VAL C 148 -23.43 -0.13 10.49
C VAL C 148 -22.45 -0.16 9.30
N ASN C 149 -21.23 0.30 9.53
CA ASN C 149 -20.36 0.66 8.41
C ASN C 149 -19.65 -0.54 7.83
N LEU C 150 -19.34 -1.53 8.68
CA LEU C 150 -18.61 -2.70 8.19
C LEU C 150 -19.56 -3.93 8.09
N ASN C 151 -20.19 -4.33 9.20
CA ASN C 151 -21.13 -5.47 9.12
C ASN C 151 -22.32 -5.23 8.16
N GLY C 152 -22.87 -4.02 8.18
CA GLY C 152 -23.99 -3.65 7.32
C GLY C 152 -23.58 -3.71 5.85
N ALA C 153 -22.32 -3.36 5.57
CA ALA C 153 -21.82 -3.40 4.19
C ALA C 153 -21.71 -4.85 3.72
N TRP C 154 -21.23 -5.71 4.62
CA TRP C 154 -21.22 -7.14 4.33
C TRP C 154 -22.64 -7.66 4.11
N ILE C 155 -23.56 -7.29 5.00
CA ILE C 155 -24.97 -7.72 4.84
C ILE C 155 -25.50 -7.30 3.46
N THR C 156 -25.17 -6.07 3.06
CA THR C 156 -25.61 -5.53 1.77
C THR C 156 -25.17 -6.44 0.61
N ALA C 157 -23.88 -6.81 0.56
CA ALA C 157 -23.35 -7.67 -0.50
C ALA C 157 -23.90 -9.09 -0.35
N ARG C 158 -23.91 -9.60 0.88
CA ARG C 158 -24.39 -10.95 1.17
C ARG C 158 -25.83 -11.24 0.65
N VAL C 159 -26.76 -10.31 0.87
CA VAL C 159 -28.14 -10.59 0.44
C VAL C 159 -28.33 -10.38 -1.08
N ALA C 160 -27.41 -9.63 -1.70
CA ALA C 160 -27.53 -9.30 -3.11
C ALA C 160 -26.85 -10.33 -4.00
N ILE C 161 -25.68 -10.83 -3.58
CA ILE C 161 -24.87 -11.69 -4.44
C ILE C 161 -25.62 -12.88 -5.08
N PRO C 162 -26.44 -13.62 -4.30
CA PRO C 162 -27.17 -14.73 -4.93
C PRO C 162 -27.98 -14.34 -6.18
N HIS C 163 -28.58 -13.15 -6.20
CA HIS C 163 -29.34 -12.66 -7.35
C HIS C 163 -28.47 -12.29 -8.54
N ILE C 164 -27.31 -11.69 -8.27
CA ILE C 164 -26.35 -11.40 -9.34
C ILE C 164 -25.83 -12.75 -9.93
N MET C 165 -25.39 -13.68 -9.07
CA MET C 165 -24.91 -14.96 -9.56
C MET C 165 -25.98 -15.69 -10.39
N ALA C 166 -27.23 -15.60 -9.94
CA ALA C 166 -28.35 -16.25 -10.62
C ALA C 166 -28.53 -15.71 -12.04
N GLY C 167 -28.21 -14.43 -12.27
CA GLY C 167 -28.33 -13.85 -13.61
C GLY C 167 -27.28 -14.37 -14.60
N LYS C 168 -26.18 -14.95 -14.09
CA LYS C 168 -25.10 -15.53 -14.90
C LYS C 168 -24.50 -14.54 -15.89
N ARG C 169 -24.64 -13.25 -15.61
CA ARG C 169 -24.11 -12.23 -16.54
C ARG C 169 -23.00 -11.40 -15.90
N GLY C 170 -22.52 -11.84 -14.74
CA GLY C 170 -21.58 -11.07 -13.92
C GLY C 170 -22.25 -9.83 -13.36
N GLY C 171 -21.45 -8.87 -12.89
CA GLY C 171 -22.00 -7.66 -12.29
C GLY C 171 -20.91 -6.91 -11.55
N SER C 172 -21.32 -5.97 -10.70
CA SER C 172 -20.36 -5.11 -10.04
C SER C 172 -20.85 -4.80 -8.66
N ILE C 173 -19.92 -4.82 -7.71
CA ILE C 173 -20.19 -4.40 -6.37
C ILE C 173 -19.19 -3.29 -6.05
N VAL C 174 -19.67 -2.18 -5.49
CA VAL C 174 -18.81 -1.06 -5.11
C VAL C 174 -19.12 -0.70 -3.66
N PHE C 175 -18.10 -0.76 -2.81
CA PHE C 175 -18.26 -0.30 -1.43
C PHE C 175 -17.74 1.12 -1.36
N THR C 176 -18.43 2.01 -0.64
CA THR C 176 -17.88 3.33 -0.45
C THR C 176 -17.06 3.33 0.82
N SER C 177 -15.76 3.50 0.65
CA SER C 177 -14.89 3.61 1.78
C SER C 177 -14.71 5.12 2.06
N SER C 178 -13.47 5.61 2.01
CA SER C 178 -13.08 6.92 2.49
C SER C 178 -11.55 6.93 2.41
N ILE C 179 -10.93 8.11 2.30
CA ILE C 179 -9.49 8.18 2.49
C ILE C 179 -9.11 7.63 3.92
N GLY C 180 -10.07 7.68 4.83
CA GLY C 180 -9.99 7.08 6.18
C GLY C 180 -10.07 5.56 6.20
N GLY C 181 -10.23 4.96 5.01
CA GLY C 181 -10.06 3.50 4.82
C GLY C 181 -8.59 3.17 4.51
N LEU C 182 -7.78 4.21 4.24
CA LEU C 182 -6.37 4.06 3.83
C LEU C 182 -5.37 4.74 4.78
N ARG C 183 -5.88 5.56 5.68
CA ARG C 183 -4.99 6.22 6.64
C ARG C 183 -5.82 6.57 7.87
N GLY C 184 -5.17 6.85 8.99
CA GLY C 184 -5.86 7.12 10.25
C GLY C 184 -6.15 8.60 10.41
N ALA C 185 -6.89 8.93 11.44
CA ALA C 185 -7.20 10.34 11.81
C ALA C 185 -7.61 10.32 13.27
N GLU C 186 -7.23 11.34 14.04
CA GLU C 186 -7.59 11.37 15.45
C GLU C 186 -9.09 11.58 15.63
N ASN C 187 -9.60 11.09 16.75
CA ASN C 187 -10.99 11.30 17.19
C ASN C 187 -12.07 10.50 16.49
N ILE C 188 -11.77 9.89 15.34
CA ILE C 188 -12.79 9.14 14.59
C ILE C 188 -12.40 7.67 14.35
N GLY C 189 -11.67 7.09 15.31
CA GLY C 189 -11.09 5.76 15.18
C GLY C 189 -12.07 4.63 14.87
N ASN C 190 -13.28 4.71 15.40
CA ASN C 190 -14.28 3.70 15.06
C ASN C 190 -14.67 3.78 13.57
N TYR C 191 -14.89 5.00 13.08
CA TYR C 191 -15.11 5.17 11.64
C TYR C 191 -13.92 4.65 10.80
N ILE C 192 -12.70 5.01 11.18
CA ILE C 192 -11.48 4.63 10.44
C ILE C 192 -11.33 3.10 10.36
N ALA C 193 -11.50 2.44 11.50
CA ALA C 193 -11.40 0.97 11.58
C ALA C 193 -12.47 0.38 10.70
N SER C 194 -13.69 0.91 10.76
CA SER C 194 -14.77 0.35 9.96
C SER C 194 -14.48 0.44 8.45
N LYS C 195 -13.93 1.57 8.02
CA LYS C 195 -13.61 1.76 6.60
C LYS C 195 -12.42 0.90 6.19
N HIS C 196 -11.40 0.78 7.03
CA HIS C 196 -10.29 -0.14 6.72
C HIS C 196 -10.79 -1.56 6.54
N GLY C 197 -11.73 -1.98 7.39
CA GLY C 197 -12.31 -3.34 7.28
C GLY C 197 -12.96 -3.60 5.93
N LEU C 198 -13.52 -2.55 5.32
CA LEU C 198 -14.10 -2.70 3.97
C LEU C 198 -13.11 -3.20 2.94
N HIS C 199 -11.86 -2.76 3.06
CA HIS C 199 -10.87 -3.14 2.05
C HIS C 199 -10.57 -4.61 2.07
N GLY C 200 -10.64 -5.20 3.27
CA GLY C 200 -10.56 -6.65 3.44
C GLY C 200 -11.76 -7.37 2.85
N LEU C 201 -12.96 -6.91 3.18
CA LEU C 201 -14.19 -7.44 2.63
C LEU C 201 -14.15 -7.39 1.11
N MET C 202 -13.72 -6.24 0.57
CA MET C 202 -13.66 -6.04 -0.88
C MET C 202 -12.70 -7.03 -1.55
N ARG C 203 -11.49 -7.16 -1.02
CA ARG C 203 -10.50 -8.08 -1.56
C ARG C 203 -10.93 -9.52 -1.56
N THR C 204 -11.46 -10.01 -0.44
CA THR C 204 -11.92 -11.38 -0.44
C THR C 204 -13.07 -11.61 -1.41
N MET C 205 -14.03 -10.69 -1.40
CA MET C 205 -15.17 -10.83 -2.29
C MET C 205 -14.75 -10.76 -3.77
N ALA C 206 -13.82 -9.85 -4.11
CA ALA C 206 -13.27 -9.80 -5.46
C ALA C 206 -12.67 -11.13 -5.86
N LEU C 207 -11.89 -11.75 -4.95
CA LEU C 207 -11.29 -13.06 -5.24
C LEU C 207 -12.35 -14.15 -5.38
N GLU C 208 -13.34 -14.16 -4.51
CA GLU C 208 -14.39 -15.21 -4.53
C GLU C 208 -15.33 -15.12 -5.73
N LEU C 209 -15.58 -13.91 -6.22
CA LEU C 209 -16.62 -13.70 -7.24
C LEU C 209 -16.07 -13.41 -8.62
N GLY C 210 -14.78 -13.13 -8.70
CA GLY C 210 -14.13 -12.84 -10.00
C GLY C 210 -14.30 -13.96 -11.06
N PRO C 211 -14.17 -15.25 -10.69
CA PRO C 211 -14.39 -16.29 -11.71
C PRO C 211 -15.81 -16.27 -12.25
N ARG C 212 -16.75 -15.69 -11.51
CA ARG C 212 -18.10 -15.45 -12.03
C ARG C 212 -18.33 -14.10 -12.72
N ASN C 213 -17.24 -13.39 -13.03
CA ASN C 213 -17.33 -12.11 -13.70
CA ASN C 213 -17.37 -12.12 -13.73
C ASN C 213 -18.09 -11.06 -12.87
N ILE C 214 -18.02 -11.20 -11.55
CA ILE C 214 -18.52 -10.13 -10.69
C ILE C 214 -17.32 -9.33 -10.16
N ARG C 215 -17.27 -8.06 -10.54
CA ARG C 215 -16.18 -7.21 -10.13
CA ARG C 215 -16.20 -7.13 -10.17
C ARG C 215 -16.55 -6.53 -8.84
N VAL C 216 -15.54 -6.37 -7.99
CA VAL C 216 -15.75 -5.82 -6.64
C VAL C 216 -14.65 -4.80 -6.37
N ASN C 217 -15.07 -3.56 -6.07
CA ASN C 217 -14.17 -2.44 -6.00
C ASN C 217 -14.65 -1.50 -4.90
N ILE C 218 -13.80 -0.53 -4.59
CA ILE C 218 -14.07 0.42 -3.52
C ILE C 218 -13.80 1.81 -4.12
N VAL C 219 -14.59 2.79 -3.71
CA VAL C 219 -14.23 4.17 -4.00
C VAL C 219 -13.89 4.84 -2.69
N CYS C 220 -12.86 5.70 -2.68
CA CYS C 220 -12.42 6.36 -1.42
C CYS C 220 -12.51 7.88 -1.56
N PRO C 221 -13.64 8.46 -1.20
CA PRO C 221 -13.77 9.93 -1.28
C PRO C 221 -12.96 10.57 -0.18
N SER C 222 -12.53 11.81 -0.38
CA SER C 222 -11.93 12.60 0.73
C SER C 222 -13.05 13.21 1.58
N SER C 223 -13.67 14.27 1.10
CA SER C 223 -14.76 14.93 1.80
C SER C 223 -15.72 15.20 0.70
N VAL C 224 -17.01 15.02 0.97
CA VAL C 224 -18.05 15.17 -0.07
C VAL C 224 -19.14 16.09 0.46
N ALA C 225 -19.61 17.00 -0.39
CA ALA C 225 -20.58 18.02 0.01
C ALA C 225 -21.98 17.40 0.24
N THR C 226 -22.23 16.89 1.45
CA THR C 226 -23.50 16.26 1.85
C THR C 226 -23.74 16.70 3.30
N PRO C 227 -24.92 16.42 3.87
CA PRO C 227 -25.13 16.73 5.30
C PRO C 227 -24.16 16.05 6.25
N MET C 228 -23.56 14.93 5.84
CA MET C 228 -22.57 14.26 6.72
C MET C 228 -21.35 15.17 6.96
N LEU C 229 -20.93 15.90 5.92
CA LEU C 229 -19.76 16.80 5.99
C LEU C 229 -20.11 18.24 6.42
N LEU C 230 -21.19 18.79 5.86
CA LEU C 230 -21.45 20.23 6.04
C LEU C 230 -22.32 20.50 7.26
N ASN C 231 -21.67 20.49 8.41
CA ASN C 231 -22.33 20.70 9.68
C ASN C 231 -21.32 21.21 10.71
N GLU C 232 -21.84 21.92 11.70
CA GLU C 232 -21.02 22.63 12.66
C GLU C 232 -20.06 21.74 13.48
N PRO C 233 -20.47 20.53 13.89
CA PRO C 233 -19.49 19.63 14.54
C PRO C 233 -18.30 19.24 13.65
N THR C 234 -18.52 19.14 12.34
CA THR C 234 -17.44 18.84 11.41
C THR C 234 -16.58 20.07 11.23
N TYR C 235 -17.21 21.24 11.14
CA TYR C 235 -16.46 22.49 11.09
C TYR C 235 -15.53 22.56 12.30
N ARG C 236 -16.05 22.27 13.49
CA ARG C 236 -15.25 22.31 14.72
C ARG C 236 -14.10 21.31 14.67
N MET C 237 -14.35 20.12 14.11
CA MET C 237 -13.26 19.12 14.00
C MET C 237 -12.14 19.61 13.09
N PHE C 238 -12.49 20.32 12.02
CA PHE C 238 -11.48 20.83 11.09
C PHE C 238 -10.72 22.05 11.62
N ARG C 239 -11.37 22.83 12.46
CA ARG C 239 -10.77 24.03 13.02
C ARG C 239 -10.88 23.99 14.52
N PRO C 240 -10.12 23.08 15.17
CA PRO C 240 -10.23 23.03 16.62
C PRO C 240 -9.55 24.25 17.22
N ASP C 241 -8.82 25.01 16.40
CA ASP C 241 -8.22 26.29 16.83
C ASP C 241 -9.24 27.43 16.99
N LEU C 242 -10.48 27.23 16.59
CA LEU C 242 -11.41 28.35 16.47
C LEU C 242 -12.68 28.24 17.30
N GLU C 243 -13.04 29.34 17.95
CA GLU C 243 -14.34 29.51 18.56
C GLU C 243 -15.34 29.69 17.42
N ASN C 244 -16.29 28.75 17.31
CA ASN C 244 -17.42 28.83 16.35
C ASN C 244 -16.99 29.01 14.88
N PRO C 245 -16.32 27.98 14.34
CA PRO C 245 -15.84 28.05 12.95
C PRO C 245 -17.01 28.13 11.95
N THR C 246 -16.86 28.92 10.89
CA THR C 246 -17.90 28.98 9.85
C THR C 246 -17.63 27.89 8.78
N VAL C 247 -18.57 27.70 7.85
CA VAL C 247 -18.31 26.83 6.68
C VAL C 247 -17.10 27.34 5.86
N GLU C 248 -16.94 28.66 5.76
CA GLU C 248 -15.77 29.22 5.11
C GLU C 248 -14.46 28.89 5.83
N ASP C 249 -14.48 28.91 7.16
CA ASP C 249 -13.31 28.53 7.95
C ASP C 249 -12.98 27.07 7.74
N PHE C 250 -14.01 26.23 7.70
CA PHE C 250 -13.81 24.83 7.38
C PHE C 250 -13.20 24.67 5.97
N GLN C 251 -13.72 25.41 4.99
CA GLN C 251 -13.27 25.26 3.60
C GLN C 251 -11.80 25.64 3.46
N VAL C 252 -11.35 26.62 4.24
CA VAL C 252 -9.94 27.01 4.25
C VAL C 252 -9.05 25.84 4.73
N ALA C 253 -9.42 25.21 5.84
CA ALA C 253 -8.63 24.09 6.36
C ALA C 253 -8.78 22.84 5.48
N SER C 254 -9.97 22.60 4.98
CA SER C 254 -10.17 21.47 4.11
C SER C 254 -9.37 21.57 2.80
N ARG C 255 -9.41 22.74 2.16
CA ARG C 255 -8.54 23.03 1.01
C ARG C 255 -7.06 22.75 1.29
N GLN C 256 -6.58 23.10 2.48
CA GLN C 256 -5.18 22.81 2.84
C GLN C 256 -4.85 21.34 2.77
N MET C 257 -5.84 20.51 3.07
CA MET C 257 -5.67 19.06 3.10
C MET C 257 -5.81 18.42 1.71
N HIS C 258 -6.30 19.18 0.74
CA HIS C 258 -6.34 18.70 -0.63
C HIS C 258 -5.16 19.25 -1.38
N VAL C 259 -4.88 18.67 -2.54
CA VAL C 259 -3.78 19.11 -3.38
C VAL C 259 -4.37 19.94 -4.54
N LEU C 260 -5.42 19.44 -5.17
CA LEU C 260 -6.26 20.30 -6.03
C LEU C 260 -6.88 21.44 -5.19
N PRO C 261 -7.09 22.61 -5.79
CA PRO C 261 -7.58 23.75 -4.98
C PRO C 261 -9.09 23.67 -4.66
N ILE C 262 -9.50 22.62 -3.93
CA ILE C 262 -10.91 22.37 -3.61
C ILE C 262 -11.07 22.03 -2.12
N PRO C 263 -12.24 22.34 -1.54
CA PRO C 263 -12.50 21.99 -0.13
C PRO C 263 -13.20 20.64 0.04
N TYR C 264 -13.77 20.12 -1.05
CA TYR C 264 -14.47 18.82 -1.06
C TYR C 264 -14.85 18.50 -2.51
N VAL C 265 -15.34 17.28 -2.72
CA VAL C 265 -15.87 16.91 -4.02
C VAL C 265 -17.40 16.93 -3.91
N GLU C 266 -18.09 16.84 -5.04
CA GLU C 266 -19.54 16.86 -5.07
C GLU C 266 -20.01 15.42 -5.08
N PRO C 267 -21.24 15.14 -4.61
CA PRO C 267 -21.76 13.77 -4.74
C PRO C 267 -21.61 13.26 -6.18
N ALA C 268 -21.86 14.11 -7.17
CA ALA C 268 -21.74 13.68 -8.59
C ALA C 268 -20.33 13.19 -8.93
N ASP C 269 -19.27 13.73 -8.31
CA ASP C 269 -17.94 13.18 -8.56
C ASP C 269 -17.83 11.71 -8.14
N ILE C 270 -18.42 11.38 -7.00
CA ILE C 270 -18.41 9.99 -6.56
C ILE C 270 -19.28 9.13 -7.48
N SER C 271 -20.48 9.61 -7.80
CA SER C 271 -21.36 8.91 -8.76
C SER C 271 -20.70 8.70 -10.12
N ASN C 272 -19.89 9.67 -10.56
CA ASN C 272 -19.27 9.52 -11.89
C ASN C 272 -18.17 8.47 -11.88
N ALA C 273 -17.46 8.36 -10.76
CA ALA C 273 -16.44 7.31 -10.63
C ALA C 273 -17.11 5.93 -10.62
N ILE C 274 -18.19 5.83 -9.86
CA ILE C 274 -18.98 4.60 -9.78
C ILE C 274 -19.58 4.21 -11.12
N LEU C 275 -20.13 5.19 -11.85
CA LEU C 275 -20.65 4.97 -13.21
C LEU C 275 -19.57 4.35 -14.11
N PHE C 276 -18.36 4.91 -14.05
CA PHE C 276 -17.24 4.31 -14.76
C PHE C 276 -17.02 2.84 -14.35
N LEU C 277 -16.86 2.59 -13.05
CA LEU C 277 -16.58 1.25 -12.53
C LEU C 277 -17.65 0.21 -12.90
N VAL C 278 -18.92 0.58 -12.96
CA VAL C 278 -19.95 -0.38 -13.29
C VAL C 278 -20.23 -0.44 -14.78
N SER C 279 -19.53 0.37 -15.57
CA SER C 279 -19.81 0.38 -17.02
C SER C 279 -18.91 -0.63 -17.75
N ASP C 280 -19.24 -0.90 -19.01
CA ASP C 280 -18.43 -1.80 -19.86
C ASP C 280 -17.01 -1.28 -20.06
N ASP C 281 -16.84 0.04 -19.95
CA ASP C 281 -15.51 0.66 -20.02
C ASP C 281 -14.52 0.23 -18.93
N ALA C 282 -15.06 -0.30 -17.83
CA ALA C 282 -14.25 -0.80 -16.70
C ALA C 282 -14.42 -2.30 -16.49
N ARG C 283 -14.79 -3.00 -17.55
CA ARG C 283 -15.12 -4.45 -17.50
C ARG C 283 -14.04 -5.30 -16.84
N TYR C 284 -12.76 -4.91 -16.91
CA TYR C 284 -11.74 -5.78 -16.33
C TYR C 284 -11.11 -5.21 -15.06
N ILE C 285 -11.76 -4.22 -14.46
CA ILE C 285 -11.19 -3.62 -13.24
C ILE C 285 -11.89 -4.25 -12.04
N THR C 286 -11.11 -4.92 -11.20
CA THR C 286 -11.65 -5.49 -9.95
C THR C 286 -10.55 -5.52 -8.88
N GLY C 287 -10.97 -5.50 -7.62
CA GLY C 287 -10.06 -5.49 -6.50
C GLY C 287 -9.45 -4.13 -6.21
N VAL C 288 -9.93 -3.05 -6.85
CA VAL C 288 -9.17 -1.78 -6.73
C VAL C 288 -9.85 -0.84 -5.76
N SER C 289 -9.05 0.04 -5.13
CA SER C 289 -9.58 1.11 -4.27
C SER C 289 -9.28 2.40 -5.02
N LEU C 290 -10.32 3.07 -5.49
CA LEU C 290 -10.13 4.26 -6.31
C LEU C 290 -10.41 5.54 -5.47
N PRO C 291 -9.34 6.27 -5.05
CA PRO C 291 -9.54 7.55 -4.34
C PRO C 291 -10.13 8.61 -5.26
N VAL C 292 -11.16 9.32 -4.78
CA VAL C 292 -11.73 10.47 -5.50
C VAL C 292 -11.56 11.57 -4.46
N ASP C 293 -10.37 12.16 -4.42
CA ASP C 293 -9.92 12.76 -3.17
C ASP C 293 -9.15 14.07 -3.32
N GLY C 294 -9.09 14.58 -4.55
CA GLY C 294 -8.42 15.82 -4.85
C GLY C 294 -6.95 15.76 -4.43
N GLY C 295 -6.40 14.55 -4.35
CA GLY C 295 -5.01 14.33 -4.00
C GLY C 295 -4.74 14.33 -2.48
N ALA C 296 -5.78 14.30 -1.65
CA ALA C 296 -5.62 14.35 -0.18
C ALA C 296 -4.65 13.28 0.34
N LEU C 297 -4.70 12.11 -0.28
CA LEU C 297 -3.85 10.99 0.11
C LEU C 297 -2.37 11.24 -0.13
N LEU C 298 -2.03 12.21 -0.98
CA LEU C 298 -0.62 12.47 -1.32
C LEU C 298 0.16 13.09 -0.20
N LYS C 299 -0.54 13.76 0.73
CA LYS C 299 0.17 14.38 1.84
C LYS C 299 -0.33 14.03 3.25
N ALA D 23 29.31 -13.70 22.40
CA ALA D 23 28.99 -13.90 20.96
C ALA D 23 28.06 -12.81 20.41
N GLY D 24 28.61 -11.94 19.55
CA GLY D 24 27.79 -10.89 18.94
C GLY D 24 26.76 -11.39 17.95
N LYS D 25 25.77 -10.55 17.65
CA LYS D 25 24.69 -10.91 16.74
C LYS D 25 25.11 -11.20 15.29
N VAL D 26 26.29 -10.74 14.88
CA VAL D 26 26.76 -11.03 13.52
C VAL D 26 28.19 -11.59 13.59
N GLU D 27 28.51 -12.29 14.69
CA GLU D 27 29.85 -12.81 14.92
C GLU D 27 30.33 -13.61 13.71
N GLY D 28 31.52 -13.26 13.21
CA GLY D 28 32.19 -13.98 12.11
C GLY D 28 31.71 -13.65 10.70
N LYS D 29 30.74 -12.75 10.58
CA LYS D 29 30.22 -12.41 9.25
C LYS D 29 30.97 -11.22 8.66
N VAL D 30 30.72 -10.97 7.37
CA VAL D 30 31.35 -9.85 6.69
C VAL D 30 30.23 -9.00 6.08
N ALA D 31 30.32 -7.69 6.26
CA ALA D 31 29.36 -6.80 5.67
C ALA D 31 30.01 -5.80 4.72
N PHE D 32 29.38 -5.62 3.56
CA PHE D 32 29.78 -4.64 2.55
C PHE D 32 28.87 -3.42 2.75
N ILE D 33 29.48 -2.27 3.01
CA ILE D 33 28.74 -1.04 3.30
C ILE D 33 29.19 0.12 2.40
N THR D 34 28.23 0.70 1.68
CA THR D 34 28.52 1.86 0.87
C THR D 34 28.19 3.15 1.61
N GLY D 35 28.89 4.23 1.28
CA GLY D 35 28.70 5.49 2.01
C GLY D 35 29.17 5.39 3.44
N ALA D 36 30.26 4.63 3.66
CA ALA D 36 30.71 4.37 5.00
C ALA D 36 31.61 5.45 5.62
N ALA D 37 31.80 6.59 4.95
CA ALA D 37 32.77 7.58 5.49
C ALA D 37 32.21 8.40 6.66
N ARG D 38 30.90 8.50 6.79
CA ARG D 38 30.30 9.31 7.86
C ARG D 38 28.83 8.96 7.98
N GLY D 39 28.12 9.60 8.90
CA GLY D 39 26.67 9.50 8.94
C GLY D 39 26.18 8.07 9.21
N GLN D 40 25.08 7.70 8.57
CA GLN D 40 24.49 6.38 8.81
C GLN D 40 25.45 5.24 8.45
N GLY D 41 26.15 5.40 7.32
CA GLY D 41 27.10 4.35 6.83
C GLY D 41 28.17 4.08 7.88
N ARG D 42 28.75 5.13 8.48
CA ARG D 42 29.71 4.94 9.54
C ARG D 42 29.04 4.23 10.75
N SER D 43 27.84 4.67 11.09
CA SER D 43 27.12 4.15 12.23
C SER D 43 26.86 2.64 12.05
N HIS D 44 26.46 2.24 10.85
CA HIS D 44 26.28 0.82 10.55
C HIS D 44 27.58 0.05 10.67
N ALA D 45 28.67 0.60 10.12
CA ALA D 45 29.98 -0.05 10.23
C ALA D 45 30.35 -0.38 11.72
N ILE D 46 30.24 0.61 12.60
CA ILE D 46 30.68 0.43 13.99
C ILE D 46 29.70 -0.45 14.74
N THR D 47 28.42 -0.35 14.40
CA THR D 47 27.37 -1.20 15.01
C THR D 47 27.60 -2.68 14.69
N LEU D 48 27.73 -2.98 13.39
CA LEU D 48 28.04 -4.36 12.96
C LEU D 48 29.41 -4.89 13.44
N ALA D 49 30.41 -4.02 13.49
CA ALA D 49 31.69 -4.41 14.02
C ALA D 49 31.58 -4.72 15.53
N ARG D 50 30.89 -3.87 16.29
CA ARG D 50 30.71 -4.09 17.70
CA ARG D 50 30.68 -4.09 17.71
C ARG D 50 30.04 -5.47 17.91
N GLU D 51 29.19 -5.86 16.96
CA GLU D 51 28.48 -7.14 17.04
C GLU D 51 29.19 -8.30 16.32
N GLY D 52 30.45 -8.07 15.94
CA GLY D 52 31.35 -9.14 15.52
C GLY D 52 31.61 -9.30 14.04
N ALA D 53 31.16 -8.37 13.21
CA ALA D 53 31.38 -8.44 11.76
C ALA D 53 32.62 -7.71 11.36
N ASP D 54 33.31 -8.23 10.35
CA ASP D 54 34.35 -7.51 9.62
C ASP D 54 33.69 -6.76 8.46
N ILE D 55 34.37 -5.76 7.93
CA ILE D 55 33.71 -4.76 7.10
C ILE D 55 34.46 -4.47 5.81
N ILE D 56 33.73 -4.48 4.68
CA ILE D 56 34.21 -3.95 3.41
C ILE D 56 33.49 -2.62 3.22
N ALA D 57 34.25 -1.52 3.27
CA ALA D 57 33.64 -0.19 3.28
C ALA D 57 34.05 0.61 2.07
N ILE D 58 33.08 1.21 1.40
CA ILE D 58 33.38 2.16 0.35
C ILE D 58 32.68 3.51 0.56
N ASP D 59 33.31 4.56 0.04
CA ASP D 59 32.70 5.86 -0.07
C ASP D 59 33.40 6.53 -1.24
N VAL D 60 32.66 7.36 -1.96
CA VAL D 60 33.24 8.13 -3.09
C VAL D 60 34.33 9.11 -2.62
N CYS D 61 34.25 9.62 -1.38
CA CYS D 61 35.28 10.52 -0.82
C CYS D 61 35.74 11.68 -1.73
N LYS D 62 34.80 12.31 -2.42
CA LYS D 62 35.16 13.47 -3.24
C LYS D 62 33.92 14.32 -3.43
N GLN D 63 34.15 15.58 -3.74
CA GLN D 63 33.08 16.55 -3.92
C GLN D 63 32.60 16.41 -5.34
N LEU D 64 31.41 15.85 -5.52
CA LEU D 64 30.88 15.62 -6.87
C LEU D 64 30.43 16.93 -7.51
N ASP D 65 30.68 17.09 -8.82
CA ASP D 65 30.24 18.27 -9.58
C ASP D 65 28.72 18.46 -9.40
N GLY D 66 28.31 19.70 -9.10
CA GLY D 66 26.90 20.01 -8.89
C GLY D 66 26.34 19.72 -7.51
N VAL D 67 27.18 19.30 -6.56
CA VAL D 67 26.77 19.07 -5.17
C VAL D 67 27.22 20.24 -4.26
N LYS D 68 26.25 20.86 -3.60
CA LYS D 68 26.45 22.15 -2.90
C LYS D 68 27.20 22.01 -1.58
N LEU D 69 26.75 21.10 -0.72
CA LEU D 69 27.29 20.96 0.63
C LEU D 69 28.51 20.06 0.67
N PRO D 70 29.38 20.20 1.71
CA PRO D 70 30.63 19.44 1.76
C PRO D 70 30.37 17.95 1.78
N MET D 71 31.05 17.20 0.91
CA MET D 71 30.92 15.75 0.92
C MET D 71 32.09 15.14 1.71
N SER D 72 31.98 13.85 2.01
CA SER D 72 33.04 13.12 2.72
C SER D 72 34.39 13.21 2.04
N THR D 73 35.43 13.26 2.86
CA THR D 73 36.81 13.22 2.36
C THR D 73 37.44 11.85 2.65
N PRO D 74 38.62 11.55 2.04
CA PRO D 74 39.35 10.32 2.42
C PRO D 74 39.61 10.21 3.93
N ASP D 75 39.98 11.33 4.55
CA ASP D 75 40.22 11.33 6.00
C ASP D 75 39.01 10.93 6.82
N ASP D 76 37.81 11.28 6.36
CA ASP D 76 36.56 10.78 6.96
C ASP D 76 36.49 9.25 6.89
N LEU D 77 36.75 8.66 5.73
CA LEU D 77 36.73 7.21 5.64
C LEU D 77 37.80 6.56 6.55
N ALA D 78 38.98 7.18 6.65
CA ALA D 78 40.04 6.70 7.50
C ALA D 78 39.62 6.72 8.97
N GLU D 79 38.78 7.70 9.36
CA GLU D 79 38.24 7.73 10.72
C GLU D 79 37.26 6.59 10.98
N THR D 80 36.39 6.29 10.02
CA THR D 80 35.57 5.07 10.13
C THR D 80 36.47 3.85 10.36
N VAL D 81 37.54 3.77 9.59
CA VAL D 81 38.50 2.65 9.71
C VAL D 81 39.07 2.53 11.11
N ARG D 82 39.58 3.65 11.64
CA ARG D 82 40.17 3.64 12.99
C ARG D 82 39.12 3.20 14.04
N GLN D 83 37.88 3.63 13.85
CA GLN D 83 36.85 3.25 14.80
C GLN D 83 36.52 1.76 14.76
N VAL D 84 36.47 1.19 13.56
CA VAL D 84 36.18 -0.24 13.42
C VAL D 84 37.34 -1.05 14.01
N GLU D 85 38.58 -0.64 13.70
CA GLU D 85 39.75 -1.36 14.20
C GLU D 85 39.88 -1.27 15.71
N ALA D 86 39.46 -0.16 16.29
CA ALA D 86 39.47 -0.01 17.76
C ALA D 86 38.59 -1.08 18.42
N LEU D 87 37.52 -1.52 17.74
CA LEU D 87 36.64 -2.57 18.26
C LEU D 87 37.23 -3.97 18.07
N GLY D 88 38.41 -4.07 17.47
CA GLY D 88 39.05 -5.36 17.23
C GLY D 88 38.69 -6.06 15.93
N ARG D 89 38.11 -5.35 14.98
CA ARG D 89 37.66 -5.98 13.74
C ARG D 89 38.47 -5.50 12.56
N ARG D 90 38.44 -6.29 11.48
CA ARG D 90 39.11 -5.94 10.24
C ARG D 90 38.16 -5.11 9.37
N ILE D 91 38.75 -4.25 8.55
CA ILE D 91 38.01 -3.39 7.62
C ILE D 91 38.90 -3.15 6.41
N ILE D 92 38.33 -3.26 5.22
CA ILE D 92 39.02 -2.96 4.01
C ILE D 92 38.21 -1.82 3.41
N ALA D 93 38.84 -0.64 3.27
CA ALA D 93 38.09 0.52 2.84
C ALA D 93 38.66 1.05 1.55
N SER D 94 37.81 1.52 0.67
CA SER D 94 38.33 2.21 -0.51
C SER D 94 37.41 3.30 -1.00
N GLN D 95 37.97 4.19 -1.83
CA GLN D 95 37.28 5.32 -2.42
C GLN D 95 36.71 4.85 -3.75
N VAL D 96 35.39 4.66 -3.78
CA VAL D 96 34.71 4.12 -4.97
C VAL D 96 33.38 4.86 -5.12
N ASP D 97 33.02 5.17 -6.36
CA ASP D 97 31.72 5.72 -6.67
C ASP D 97 30.80 4.52 -6.97
N VAL D 98 29.63 4.49 -6.31
CA VAL D 98 28.67 3.39 -6.54
C VAL D 98 28.22 3.32 -8.00
N ARG D 99 28.40 4.40 -8.76
CA ARG D 99 28.05 4.36 -10.19
C ARG D 99 29.08 3.64 -11.07
N ASP D 100 30.29 3.42 -10.57
CA ASP D 100 31.41 2.85 -11.34
C ASP D 100 31.37 1.35 -11.16
N PHE D 101 30.70 0.66 -12.08
CA PHE D 101 30.50 -0.79 -11.95
C PHE D 101 31.85 -1.54 -11.78
N ASP D 102 32.82 -1.27 -12.64
CA ASP D 102 34.12 -1.98 -12.58
C ASP D 102 34.89 -1.73 -11.29
N ALA D 103 34.91 -0.48 -10.83
CA ALA D 103 35.49 -0.17 -9.50
C ALA D 103 34.75 -0.85 -8.36
N MET D 104 33.43 -0.88 -8.42
CA MET D 104 32.66 -1.57 -7.36
C MET D 104 32.94 -3.06 -7.33
N GLN D 105 32.98 -3.65 -8.52
CA GLN D 105 33.32 -5.05 -8.67
C GLN D 105 34.71 -5.35 -8.10
N ALA D 106 35.67 -4.50 -8.43
CA ALA D 106 37.05 -4.70 -7.94
C ALA D 106 37.14 -4.55 -6.42
N ALA D 107 36.37 -3.61 -5.85
CA ALA D 107 36.43 -3.38 -4.40
C ALA D 107 35.85 -4.56 -3.62
N VAL D 108 34.65 -5.01 -3.98
CA VAL D 108 34.06 -6.14 -3.27
C VAL D 108 34.88 -7.42 -3.50
N ASP D 109 35.39 -7.60 -4.73
CA ASP D 109 36.20 -8.77 -5.07
C ASP D 109 37.46 -8.81 -4.19
N ASP D 110 38.14 -7.68 -4.09
CA ASP D 110 39.33 -7.62 -3.27
C ASP D 110 39.02 -7.79 -1.79
N GLY D 111 37.86 -7.26 -1.37
CA GLY D 111 37.44 -7.33 0.01
C GLY D 111 37.17 -8.77 0.44
N VAL D 112 36.42 -9.51 -0.39
CA VAL D 112 36.14 -10.93 -0.11
C VAL D 112 37.44 -11.77 -0.14
N THR D 113 38.33 -11.45 -1.07
CA THR D 113 39.65 -12.12 -1.12
C THR D 113 40.37 -11.97 0.22
N GLN D 114 40.40 -10.76 0.76
CA GLN D 114 41.00 -10.51 2.09
C GLN D 114 40.28 -11.18 3.25
N LEU D 115 38.95 -11.07 3.28
CA LEU D 115 38.19 -11.49 4.46
C LEU D 115 37.56 -12.89 4.35
N GLY D 116 37.44 -13.42 3.14
CA GLY D 116 37.04 -14.81 2.94
C GLY D 116 35.55 -15.11 2.76
N ARG D 117 34.70 -14.10 2.84
CA ARG D 117 33.27 -14.33 2.70
C ARG D 117 32.50 -12.99 2.64
N LEU D 118 31.21 -13.08 2.32
CA LEU D 118 30.33 -11.91 2.33
C LEU D 118 28.96 -12.35 2.76
N ASP D 119 28.38 -11.66 3.74
CA ASP D 119 27.12 -12.11 4.29
C ASP D 119 26.04 -11.05 4.21
N ILE D 120 26.44 -9.79 4.36
CA ILE D 120 25.52 -8.66 4.53
C ILE D 120 25.92 -7.54 3.58
N VAL D 121 24.92 -6.94 2.93
CA VAL D 121 25.16 -5.78 2.08
C VAL D 121 24.24 -4.66 2.56
N LEU D 122 24.82 -3.50 2.89
CA LEU D 122 24.05 -2.31 3.25
C LEU D 122 24.25 -1.26 2.17
N ALA D 123 23.25 -1.13 1.29
CA ALA D 123 23.32 -0.16 0.20
C ALA D 123 22.75 1.15 0.73
N ASN D 124 23.67 2.00 1.18
CA ASN D 124 23.38 3.18 1.98
C ASN D 124 23.81 4.51 1.31
N ALA D 125 24.87 4.49 0.48
CA ALA D 125 25.32 5.67 -0.26
C ALA D 125 24.18 6.30 -1.07
N ALA D 126 24.06 7.62 -1.02
CA ALA D 126 23.01 8.38 -1.74
C ALA D 126 23.32 9.87 -1.80
N LEU D 127 22.80 10.56 -2.81
CA LEU D 127 22.86 12.02 -2.91
C LEU D 127 21.51 12.59 -2.53
N ALA D 128 21.50 13.73 -1.86
CA ALA D 128 20.23 14.38 -1.53
C ALA D 128 19.87 15.38 -2.63
N SER D 129 18.58 15.64 -2.82
CA SER D 129 18.19 16.56 -3.88
C SER D 129 18.54 18.00 -3.53
N GLU D 130 19.03 18.73 -4.52
CA GLU D 130 19.28 20.17 -4.43
C GLU D 130 17.95 20.94 -4.34
N GLY D 131 16.92 20.40 -4.98
CA GLY D 131 15.58 20.93 -4.81
C GLY D 131 15.20 21.83 -5.96
N THR D 132 14.46 21.29 -6.91
CA THR D 132 13.93 22.01 -8.08
C THR D 132 12.59 21.37 -8.42
N ARG D 133 11.57 22.18 -8.73
CA ARG D 133 10.31 21.61 -9.21
C ARG D 133 10.60 20.72 -10.41
N LEU D 134 9.86 19.62 -10.56
CA LEU D 134 10.14 18.69 -11.65
C LEU D 134 9.91 19.28 -13.04
N ASN D 135 9.00 20.25 -13.15
CA ASN D 135 8.76 20.95 -14.43
C ASN D 135 9.87 21.97 -14.77
N ARG D 136 10.83 22.13 -13.88
CA ARG D 136 11.88 23.13 -14.07
C ARG D 136 13.27 22.47 -14.16
N MET D 137 13.34 21.22 -13.76
CA MET D 137 14.59 20.51 -13.58
C MET D 137 15.23 20.18 -14.91
N ASP D 138 16.56 20.23 -14.95
CA ASP D 138 17.17 19.86 -16.20
C ASP D 138 17.56 18.37 -16.18
N PRO D 139 17.72 17.77 -17.37
CA PRO D 139 17.91 16.32 -17.47
C PRO D 139 19.15 15.78 -16.72
N LYS D 140 20.25 16.53 -16.68
CA LYS D 140 21.43 16.05 -15.94
C LYS D 140 21.15 15.93 -14.42
N THR D 141 20.40 16.89 -13.88
CA THR D 141 20.04 16.89 -12.45
C THR D 141 19.14 15.69 -12.11
N TRP D 142 18.26 15.35 -13.03
CA TRP D 142 17.36 14.23 -12.82
C TRP D 142 18.21 12.96 -12.93
N ARG D 143 18.90 12.81 -14.07
CA ARG D 143 19.67 11.60 -14.38
C ARG D 143 20.74 11.19 -13.34
N ASP D 144 21.51 12.16 -12.85
CA ASP D 144 22.58 11.87 -11.88
C ASP D 144 22.03 11.32 -10.57
N MET D 145 20.90 11.86 -10.15
CA MET D 145 20.24 11.39 -8.90
C MET D 145 19.74 9.95 -9.06
N ILE D 146 19.06 9.68 -10.16
CA ILE D 146 18.65 8.31 -10.45
C ILE D 146 19.90 7.41 -10.49
N ASP D 147 20.97 7.89 -11.11
CA ASP D 147 22.18 7.05 -11.30
C ASP D 147 22.83 6.68 -9.97
N VAL D 148 22.90 7.62 -9.04
CA VAL D 148 23.57 7.36 -7.75
C VAL D 148 22.67 6.50 -6.89
N ASN D 149 21.43 6.96 -6.75
CA ASN D 149 20.53 6.44 -5.73
C ASN D 149 19.80 5.17 -6.16
N LEU D 150 19.53 5.01 -7.45
CA LEU D 150 18.89 3.79 -7.91
C LEU D 150 19.86 2.83 -8.59
N ASN D 151 20.48 3.26 -9.68
CA ASN D 151 21.43 2.42 -10.41
C ASN D 151 22.61 2.00 -9.54
N GLY D 152 23.09 2.91 -8.69
CA GLY D 152 24.22 2.63 -7.78
C GLY D 152 23.85 1.61 -6.72
N ALA D 153 22.59 1.64 -6.28
CA ALA D 153 22.06 0.65 -5.34
C ALA D 153 22.00 -0.72 -6.00
N TRP D 154 21.54 -0.77 -7.24
CA TRP D 154 21.56 -2.04 -7.97
C TRP D 154 22.98 -2.54 -8.16
N ILE D 155 23.90 -1.67 -8.57
CA ILE D 155 25.31 -2.07 -8.75
C ILE D 155 25.88 -2.66 -7.45
N THR D 156 25.60 -2.00 -6.33
CA THR D 156 26.06 -2.43 -5.01
C THR D 156 25.66 -3.89 -4.76
N ALA D 157 24.37 -4.20 -4.95
CA ALA D 157 23.88 -5.59 -4.76
C ALA D 157 24.42 -6.53 -5.85
N ARG D 158 24.39 -6.06 -7.09
CA ARG D 158 24.83 -6.88 -8.19
C ARG D 158 26.28 -7.43 -8.02
N VAL D 159 27.22 -6.57 -7.57
CA VAL D 159 28.63 -7.03 -7.47
C VAL D 159 28.81 -7.93 -6.24
N ALA D 160 27.90 -7.80 -5.27
CA ALA D 160 28.06 -8.51 -4.01
C ALA D 160 27.39 -9.86 -3.98
N ILE D 161 26.24 -9.98 -4.64
CA ILE D 161 25.45 -11.23 -4.59
C ILE D 161 26.25 -12.50 -4.94
N PRO D 162 27.06 -12.47 -6.03
CA PRO D 162 27.75 -13.73 -6.30
C PRO D 162 28.54 -14.24 -5.11
N HIS D 163 29.10 -13.32 -4.29
CA HIS D 163 29.92 -13.70 -3.15
C HIS D 163 29.09 -14.22 -2.02
N ILE D 164 27.90 -13.67 -1.84
CA ILE D 164 26.99 -14.22 -0.83
C ILE D 164 26.56 -15.66 -1.22
N MET D 165 26.21 -15.83 -2.49
CA MET D 165 25.82 -17.14 -2.99
C MET D 165 26.94 -18.16 -2.88
N ALA D 166 28.17 -17.73 -3.16
CA ALA D 166 29.31 -18.65 -3.09
C ALA D 166 29.48 -19.20 -1.68
N GLY D 167 29.08 -18.41 -0.65
CA GLY D 167 29.22 -18.83 0.75
C GLY D 167 28.25 -19.94 1.16
N LYS D 168 27.15 -20.07 0.41
CA LYS D 168 26.14 -21.11 0.63
C LYS D 168 25.51 -21.10 2.04
N ARG D 169 25.47 -19.94 2.69
CA ARG D 169 24.94 -19.80 4.04
C ARG D 169 23.80 -18.80 4.10
N GLY D 170 23.29 -18.39 2.93
CA GLY D 170 22.27 -17.31 2.90
C GLY D 170 22.94 -15.99 3.27
N GLY D 171 22.12 -14.96 3.53
CA GLY D 171 22.62 -13.65 3.90
C GLY D 171 21.53 -12.59 3.89
N SER D 172 21.94 -11.32 3.95
CA SER D 172 21.01 -10.20 4.12
C SER D 172 21.44 -9.02 3.25
N ILE D 173 20.49 -8.47 2.51
CA ILE D 173 20.69 -7.21 1.79
C ILE D 173 19.67 -6.20 2.34
N VAL D 174 20.16 -5.04 2.73
CA VAL D 174 19.28 -3.97 3.16
C VAL D 174 19.54 -2.71 2.33
N PHE D 175 18.52 -2.22 1.67
CA PHE D 175 18.67 -0.94 0.97
C PHE D 175 18.15 0.14 1.89
N THR D 176 18.83 1.27 1.96
CA THR D 176 18.25 2.40 2.70
C THR D 176 17.40 3.21 1.71
N SER D 177 16.11 3.29 2.00
CA SER D 177 15.22 4.09 1.19
C SER D 177 14.96 5.34 2.03
N SER D 178 13.71 5.72 2.22
CA SER D 178 13.36 6.97 2.88
C SER D 178 11.86 6.85 2.96
N ILE D 179 11.21 7.65 3.82
CA ILE D 179 9.75 7.78 3.71
C ILE D 179 9.34 8.33 2.31
N GLY D 180 10.24 9.09 1.69
CA GLY D 180 10.09 9.45 0.27
C GLY D 180 10.22 8.31 -0.73
N GLY D 181 10.51 7.10 -0.26
CA GLY D 181 10.35 5.88 -1.04
C GLY D 181 8.89 5.40 -1.06
N LEU D 182 8.07 5.96 -0.17
CA LEU D 182 6.68 5.53 0.01
C LEU D 182 5.67 6.65 -0.16
N ARG D 183 6.15 7.90 -0.24
CA ARG D 183 5.26 9.02 -0.54
C ARG D 183 6.02 10.16 -1.20
N GLY D 184 5.30 11.03 -1.90
CA GLY D 184 5.93 12.07 -2.68
C GLY D 184 6.30 13.23 -1.76
N ALA D 185 7.07 14.17 -2.27
CA ALA D 185 7.33 15.42 -1.57
C ALA D 185 7.69 16.44 -2.64
N GLU D 186 7.17 17.66 -2.48
CA GLU D 186 7.53 18.79 -3.37
C GLU D 186 9.02 19.08 -3.39
N ASN D 187 9.52 19.50 -4.54
CA ASN D 187 10.88 20.07 -4.67
C ASN D 187 12.06 19.08 -4.77
N ILE D 188 11.84 17.81 -4.40
CA ILE D 188 12.86 16.77 -4.38
C ILE D 188 12.48 15.52 -5.21
N GLY D 189 11.71 15.73 -6.28
CA GLY D 189 11.10 14.63 -7.03
C GLY D 189 12.08 13.62 -7.61
N ASN D 190 13.27 14.07 -7.98
CA ASN D 190 14.28 13.12 -8.49
C ASN D 190 14.72 12.15 -7.38
N TYR D 191 14.95 12.68 -6.18
CA TYR D 191 15.23 11.86 -5.01
C TYR D 191 14.04 10.88 -4.73
N ILE D 192 12.81 11.42 -4.76
CA ILE D 192 11.59 10.65 -4.48
C ILE D 192 11.46 9.49 -5.49
N ALA D 193 11.64 9.78 -6.78
CA ALA D 193 11.57 8.73 -7.80
C ALA D 193 12.68 7.67 -7.62
N SER D 194 13.89 8.11 -7.32
CA SER D 194 15.00 7.18 -7.09
C SER D 194 14.66 6.24 -5.91
N LYS D 195 14.07 6.78 -4.84
CA LYS D 195 13.78 5.98 -3.68
C LYS D 195 12.63 5.03 -3.94
N HIS D 196 11.57 5.47 -4.64
CA HIS D 196 10.49 4.57 -5.05
C HIS D 196 11.03 3.43 -5.90
N GLY D 197 12.01 3.72 -6.75
CA GLY D 197 12.59 2.69 -7.62
C GLY D 197 13.24 1.59 -6.79
N LEU D 198 13.82 1.95 -5.64
CA LEU D 198 14.47 0.97 -4.78
C LEU D 198 13.50 -0.11 -4.27
N HIS D 199 12.23 0.25 -4.07
CA HIS D 199 11.25 -0.73 -3.64
C HIS D 199 10.97 -1.78 -4.69
N GLY D 200 11.04 -1.38 -5.97
CA GLY D 200 10.96 -2.34 -7.05
C GLY D 200 12.17 -3.26 -7.09
N LEU D 201 13.37 -2.68 -7.03
CA LEU D 201 14.62 -3.44 -6.97
C LEU D 201 14.62 -4.46 -5.79
N MET D 202 14.21 -3.98 -4.61
CA MET D 202 14.12 -4.78 -3.38
C MET D 202 13.19 -5.98 -3.56
N ARG D 203 11.98 -5.76 -4.09
CA ARG D 203 11.00 -6.84 -4.26
C ARG D 203 11.45 -7.88 -5.26
N THR D 204 12.05 -7.46 -6.38
CA THR D 204 12.50 -8.47 -7.36
C THR D 204 13.63 -9.30 -6.79
N MET D 205 14.59 -8.64 -6.19
CA MET D 205 15.73 -9.31 -5.66
C MET D 205 15.34 -10.28 -4.51
N ALA D 206 14.41 -9.85 -3.67
CA ALA D 206 13.85 -10.73 -2.65
C ALA D 206 13.21 -11.97 -3.26
N LEU D 207 12.46 -11.80 -4.34
CA LEU D 207 11.85 -12.95 -5.02
C LEU D 207 12.90 -13.87 -5.62
N GLU D 208 13.92 -13.29 -6.26
CA GLU D 208 14.94 -14.06 -6.95
C GLU D 208 15.90 -14.78 -5.99
N LEU D 209 16.17 -14.18 -4.82
CA LEU D 209 17.19 -14.72 -3.92
C LEU D 209 16.61 -15.49 -2.72
N GLY D 210 15.31 -15.37 -2.52
CA GLY D 210 14.64 -16.14 -1.44
C GLY D 210 15.00 -17.62 -1.41
N PRO D 211 14.94 -18.30 -2.57
CA PRO D 211 15.33 -19.71 -2.59
C PRO D 211 16.75 -19.97 -2.12
N ARG D 212 17.64 -18.97 -2.20
CA ARG D 212 19.01 -19.11 -1.72
C ARG D 212 19.15 -18.63 -0.26
N ASN D 213 18.02 -18.40 0.41
CA ASN D 213 18.04 -17.93 1.79
C ASN D 213 18.79 -16.59 1.98
N ILE D 214 18.78 -15.76 0.94
CA ILE D 214 19.25 -14.38 1.03
C ILE D 214 18.02 -13.46 1.14
N ARG D 215 17.89 -12.79 2.29
CA ARG D 215 16.73 -11.93 2.53
C ARG D 215 17.09 -10.51 2.10
N VAL D 216 16.10 -9.81 1.57
CA VAL D 216 16.32 -8.49 0.99
C VAL D 216 15.18 -7.61 1.51
N ASN D 217 15.55 -6.54 2.20
CA ASN D 217 14.60 -5.64 2.82
C ASN D 217 15.01 -4.17 2.64
N ILE D 218 14.13 -3.27 3.06
CA ILE D 218 14.39 -1.85 3.02
C ILE D 218 14.13 -1.24 4.39
N VAL D 219 14.96 -0.28 4.80
CA VAL D 219 14.58 0.60 5.91
C VAL D 219 14.26 1.99 5.37
N CYS D 220 13.21 2.61 5.92
CA CYS D 220 12.72 3.91 5.46
C CYS D 220 12.78 4.92 6.60
N PRO D 221 13.94 5.59 6.79
CA PRO D 221 14.03 6.67 7.79
C PRO D 221 13.17 7.88 7.39
N SER D 222 12.73 8.67 8.37
CA SER D 222 12.13 9.97 8.03
C SER D 222 13.20 11.06 7.83
N SER D 223 13.82 11.47 8.92
CA SER D 223 14.92 12.45 8.92
C SER D 223 15.91 11.93 9.93
N VAL D 224 17.19 11.94 9.59
CA VAL D 224 18.24 11.38 10.45
C VAL D 224 19.30 12.44 10.69
N ALA D 225 19.76 12.54 11.93
CA ALA D 225 20.74 13.55 12.30
C ALA D 225 22.13 13.19 11.71
N THR D 226 22.34 13.62 10.45
CA THR D 226 23.62 13.46 9.75
C THR D 226 23.86 14.75 8.97
N PRO D 227 25.05 14.90 8.37
CA PRO D 227 25.24 16.16 7.60
C PRO D 227 24.31 16.30 6.38
N MET D 228 23.72 15.19 5.91
CA MET D 228 22.68 15.26 4.89
C MET D 228 21.45 16.07 5.29
N LEU D 229 21.14 16.06 6.58
CA LEU D 229 19.96 16.76 7.08
C LEU D 229 20.34 18.10 7.73
N LEU D 230 21.40 18.07 8.53
CA LEU D 230 21.73 19.16 9.42
C LEU D 230 22.59 20.19 8.69
N ASN D 231 21.94 20.93 7.79
CA ASN D 231 22.62 21.97 6.99
C ASN D 231 21.71 23.16 6.71
N GLU D 232 22.31 24.34 6.50
CA GLU D 232 21.52 25.57 6.31
C GLU D 232 20.55 25.45 5.12
N PRO D 233 20.98 24.85 3.99
CA PRO D 233 20.04 24.65 2.87
C PRO D 233 18.75 23.89 3.19
N THR D 234 18.83 22.87 4.06
CA THR D 234 17.67 22.09 4.53
C THR D 234 16.76 22.91 5.45
N TYR D 235 17.36 23.62 6.41
CA TYR D 235 16.59 24.49 7.29
C TYR D 235 15.71 25.45 6.47
N ARG D 236 16.33 26.13 5.49
CA ARG D 236 15.61 27.00 4.55
C ARG D 236 14.48 26.26 3.82
N MET D 237 14.74 24.99 3.44
CA MET D 237 13.73 24.20 2.75
C MET D 237 12.56 23.83 3.67
N PHE D 238 12.75 23.94 4.98
CA PHE D 238 11.68 23.69 5.95
C PHE D 238 10.97 24.96 6.41
N ARG D 239 11.47 26.12 5.94
CA ARG D 239 10.91 27.43 6.31
C ARG D 239 10.68 28.33 5.08
N PRO D 245 17.04 30.86 9.01
CA PRO D 245 16.54 29.79 9.91
C PRO D 245 17.67 29.01 10.60
N THR D 246 17.64 29.01 11.93
CA THR D 246 18.61 28.24 12.74
C THR D 246 18.26 26.74 12.77
N VAL D 247 19.01 25.93 13.52
CA VAL D 247 18.67 24.51 13.62
C VAL D 247 17.35 24.33 14.41
N GLU D 248 17.10 25.24 15.35
CA GLU D 248 15.91 25.23 16.21
C GLU D 248 14.69 25.61 15.38
N ASP D 249 14.82 26.67 14.60
CA ASP D 249 13.83 27.02 13.58
C ASP D 249 13.43 25.76 12.80
N PHE D 250 14.43 24.99 12.39
CA PHE D 250 14.23 23.76 11.63
C PHE D 250 13.55 22.70 12.50
N GLN D 251 14.02 22.56 13.73
CA GLN D 251 13.55 21.50 14.62
C GLN D 251 12.07 21.61 14.98
N VAL D 252 11.58 22.85 15.14
CA VAL D 252 10.16 23.10 15.42
C VAL D 252 9.28 22.65 14.22
N ALA D 253 9.73 22.94 12.98
CA ALA D 253 9.01 22.48 11.77
C ALA D 253 9.17 20.97 11.48
N SER D 254 10.35 20.43 11.78
CA SER D 254 10.58 19.00 11.66
C SER D 254 9.70 18.17 12.65
N ARG D 255 9.57 18.64 13.89
CA ARG D 255 8.69 18.02 14.92
C ARG D 255 7.26 17.86 14.45
N GLN D 256 6.75 18.87 13.75
CA GLN D 256 5.39 18.83 13.27
C GLN D 256 5.15 17.71 12.23
N MET D 257 6.22 17.25 11.58
CA MET D 257 6.14 16.15 10.59
C MET D 257 6.07 14.78 11.27
N HIS D 258 6.46 14.74 12.53
CA HIS D 258 6.54 13.50 13.31
C HIS D 258 5.36 13.37 14.24
N VAL D 259 4.98 12.13 14.56
CA VAL D 259 3.88 11.88 15.49
C VAL D 259 4.43 11.72 16.92
N LEU D 260 5.53 10.98 17.06
CA LEU D 260 6.27 10.98 18.31
C LEU D 260 6.95 12.34 18.45
N PRO D 261 7.18 12.78 19.70
CA PRO D 261 7.66 14.16 19.89
C PRO D 261 9.17 14.30 19.61
N ILE D 262 9.56 14.10 18.36
CA ILE D 262 10.97 14.18 17.94
C ILE D 262 11.08 15.00 16.65
N PRO D 263 12.25 15.62 16.41
CA PRO D 263 12.56 16.31 15.14
C PRO D 263 13.14 15.38 14.06
N TYR D 264 13.73 14.27 14.46
CA TYR D 264 14.40 13.33 13.53
C TYR D 264 14.87 12.17 14.37
N VAL D 265 15.39 11.14 13.74
CA VAL D 265 15.98 10.03 14.48
C VAL D 265 17.51 10.11 14.41
N GLU D 266 18.18 9.30 15.20
CA GLU D 266 19.64 9.27 15.22
C GLU D 266 20.14 8.16 14.31
N PRO D 267 21.39 8.29 13.78
CA PRO D 267 21.93 7.20 12.98
C PRO D 267 21.83 5.86 13.72
N ALA D 268 22.08 5.83 15.04
CA ALA D 268 21.88 4.59 15.82
C ALA D 268 20.49 3.94 15.66
N ASP D 269 19.43 4.74 15.52
CA ASP D 269 18.12 4.14 15.34
C ASP D 269 18.07 3.33 14.05
N ILE D 270 18.68 3.85 12.98
CA ILE D 270 18.69 3.11 11.72
C ILE D 270 19.59 1.88 11.88
N SER D 271 20.77 2.06 12.46
CA SER D 271 21.70 0.93 12.69
C SER D 271 21.08 -0.22 13.52
N ASN D 272 20.30 0.14 14.55
CA ASN D 272 19.62 -0.84 15.40
C ASN D 272 18.50 -1.59 14.65
N ALA D 273 17.77 -0.90 13.77
CA ALA D 273 16.79 -1.56 12.90
C ALA D 273 17.49 -2.53 11.95
N ILE D 274 18.58 -2.07 11.33
CA ILE D 274 19.37 -2.93 10.46
C ILE D 274 19.97 -4.12 11.20
N LEU D 275 20.46 -3.89 12.41
CA LEU D 275 21.00 -4.98 13.22
C LEU D 275 19.92 -6.04 13.48
N PHE D 276 18.72 -5.59 13.84
CA PHE D 276 17.60 -6.54 13.97
C PHE D 276 17.46 -7.36 12.67
N LEU D 277 17.36 -6.68 11.53
CA LEU D 277 17.05 -7.32 10.26
C LEU D 277 18.10 -8.33 9.81
N VAL D 278 19.37 -8.05 10.10
CA VAL D 278 20.44 -8.99 9.72
C VAL D 278 20.70 -10.05 10.78
N SER D 279 20.07 -9.96 11.96
CA SER D 279 20.26 -10.98 13.00
C SER D 279 19.41 -12.25 12.80
N ASP D 280 19.73 -13.29 13.58
CA ASP D 280 18.95 -14.54 13.59
C ASP D 280 17.49 -14.30 13.95
N ASP D 281 17.25 -13.35 14.83
CA ASP D 281 15.90 -13.01 15.30
C ASP D 281 14.95 -12.58 14.17
N ALA D 282 15.51 -12.18 13.04
CA ALA D 282 14.74 -11.73 11.87
C ALA D 282 14.89 -12.68 10.68
N ARG D 283 15.33 -13.91 10.95
CA ARG D 283 15.62 -14.92 9.94
C ARG D 283 14.57 -15.07 8.83
N TYR D 284 13.28 -14.86 9.13
CA TYR D 284 12.25 -15.09 8.10
C TYR D 284 11.62 -13.84 7.52
N ILE D 285 12.26 -12.69 7.75
CA ILE D 285 11.71 -11.43 7.30
C ILE D 285 12.38 -11.08 5.99
N THR D 286 11.57 -10.96 4.94
CA THR D 286 12.15 -10.55 3.64
C THR D 286 11.07 -9.88 2.85
N GLY D 287 11.49 -8.96 1.99
CA GLY D 287 10.56 -8.26 1.15
C GLY D 287 9.90 -7.08 1.84
N VAL D 288 10.38 -6.67 3.00
CA VAL D 288 9.61 -5.64 3.74
C VAL D 288 10.31 -4.27 3.69
N SER D 289 9.51 -3.22 3.84
CA SER D 289 10.04 -1.88 3.99
C SER D 289 9.67 -1.48 5.41
N LEU D 290 10.67 -1.31 6.24
CA LEU D 290 10.48 -0.93 7.63
C LEU D 290 10.69 0.59 7.84
N PRO D 291 9.60 1.37 8.09
CA PRO D 291 9.81 2.79 8.41
C PRO D 291 10.36 2.91 9.81
N VAL D 292 11.34 3.79 9.97
CA VAL D 292 11.86 4.21 11.28
C VAL D 292 11.71 5.73 11.25
N ASP D 293 10.51 6.20 11.55
CA ASP D 293 10.11 7.53 11.11
C ASP D 293 9.30 8.28 12.15
N GLY D 294 9.29 7.80 13.39
CA GLY D 294 8.53 8.48 14.45
C GLY D 294 7.08 8.74 14.08
N GLY D 295 6.55 7.90 13.18
CA GLY D 295 5.15 8.03 12.79
C GLY D 295 4.89 9.03 11.66
N ALA D 296 5.93 9.56 11.02
CA ALA D 296 5.72 10.57 9.95
C ALA D 296 4.75 10.09 8.86
N LEU D 297 4.84 8.80 8.49
CA LEU D 297 3.98 8.27 7.43
C LEU D 297 2.51 8.23 7.78
N LEU D 298 2.19 8.44 9.06
CA LEU D 298 0.80 8.38 9.50
C LEU D 298 0.03 9.63 9.10
N LYS D 299 0.74 10.71 8.82
CA LYS D 299 0.03 11.92 8.45
C LYS D 299 0.52 12.57 7.15
#